data_5TC5
#
_entry.id   5TC5
#
_cell.length_a   89.522
_cell.length_b   121.927
_cell.length_c   192.522
_cell.angle_alpha   90.000
_cell.angle_beta   90.000
_cell.angle_gamma   90.000
#
_symmetry.space_group_name_H-M   'I 2 2 2'
#
loop_
_entity.id
_entity.type
_entity.pdbx_description
1 polymer "S-methyl-5'-thioadenosine phosphorylase"
2 non-polymer (3R,4S)-1-[(4-amino-5H-pyrrolo[3,2-d]pyrimidin-7-yl)methyl]-4-[(butylsulfanyl)methyl]pyrrolidin-3-ol
3 non-polymer 'CHLORIDE ION'
4 water water
#
_entity_poly.entity_id   1
_entity_poly.type   'polypeptide(L)'
_entity_poly.pdbx_seq_one_letter_code
;MHHHHHHENLYFQSMASGTTTTAVKIGIIGGTGLDDPEILEGRTEKYVDTPFGKPSDALILGKIKNVDCVLLARHGRQHT
IMPSKVNYQANIWALKEEGCTHVIVTTACGSLREEIQPGDIVIIDQFIDRTTMRPQSFYDGSHSCARGVCHIPMAEPFCP
KTREVLIETAKKLGLRCHSKGTMVTIEGPRFSSRAESFMFRTWGADVINMTTVPEVVLAKEAGICYASIAMATDYDCWKE
HEEAVSVDRVLKTLKENANKAKSLLLTTIPQIGSTEWSETLHNLKNMAQFSVLLPRH
;
_entity_poly.pdbx_strand_id   A,B,C
#
loop_
_chem_comp.id
_chem_comp.type
_chem_comp.name
_chem_comp.formula
BIG non-polymer (3R,4S)-1-[(4-amino-5H-pyrrolo[3,2-d]pyrimidin-7-yl)methyl]-4-[(butylsulfanyl)methyl]pyrrolidin-3-ol 'C16 H25 N5 O S'
CL non-polymer 'CHLORIDE ION' 'Cl -1'
#
# COMPACT_ATOMS: atom_id res chain seq x y z
N HIS A 6 14.72 5.83 -48.55
CA HIS A 6 14.11 5.08 -47.41
C HIS A 6 13.13 4.01 -47.95
N HIS A 7 12.58 3.19 -47.06
CA HIS A 7 11.79 2.01 -47.47
C HIS A 7 10.27 2.24 -47.39
N GLU A 8 9.61 2.11 -48.54
CA GLU A 8 8.15 2.01 -48.66
C GLU A 8 7.77 0.51 -48.68
N ASN A 9 6.78 0.07 -47.94
CA ASN A 9 6.26 -1.33 -48.12
C ASN A 9 5.36 -1.48 -49.37
N LEU A 10 6.00 -1.58 -50.52
CA LEU A 10 5.31 -1.63 -51.80
C LEU A 10 5.21 -3.04 -52.36
N TYR A 11 4.19 -3.22 -53.21
CA TYR A 11 3.98 -4.46 -53.91
C TYR A 11 4.06 -4.19 -55.37
N PHE A 12 4.63 -5.16 -56.06
CA PHE A 12 4.56 -5.23 -57.46
C PHE A 12 4.31 -6.67 -57.89
N GLN A 13 3.18 -6.92 -58.59
CA GLN A 13 2.85 -8.26 -59.11
C GLN A 13 3.02 -9.35 -58.02
N SER A 14 2.59 -9.01 -56.81
CA SER A 14 2.53 -9.87 -55.59
C SER A 14 3.76 -9.82 -54.68
N MET A 15 4.88 -9.30 -55.22
CA MET A 15 6.16 -9.35 -54.51
C MET A 15 6.45 -8.07 -53.74
N ALA A 16 6.90 -8.30 -52.46
CA ALA A 16 7.41 -7.19 -51.65
C ALA A 16 8.81 -7.55 -51.10
N SER A 17 9.52 -6.50 -50.59
CA SER A 17 10.87 -6.77 -50.06
C SER A 17 10.64 -6.98 -48.57
N GLY A 18 11.69 -7.35 -47.81
CA GLY A 18 11.57 -7.80 -46.41
C GLY A 18 10.95 -6.79 -45.47
N ALA A 23 3.84 -7.17 -37.68
CA ALA A 23 3.07 -8.41 -37.63
C ALA A 23 2.30 -8.57 -36.28
N VAL A 24 1.05 -8.15 -36.34
CA VAL A 24 0.23 -7.94 -35.16
C VAL A 24 -0.15 -9.27 -34.54
N LYS A 25 -0.05 -9.37 -33.22
CA LYS A 25 -0.64 -10.50 -32.51
C LYS A 25 -1.19 -10.02 -31.20
N ILE A 26 -2.48 -10.29 -31.00
CA ILE A 26 -3.25 -9.69 -29.92
C ILE A 26 -3.54 -10.69 -28.80
N GLY A 27 -2.90 -10.44 -27.67
CA GLY A 27 -3.25 -11.11 -26.42
C GLY A 27 -4.52 -10.48 -25.82
N ILE A 28 -5.47 -11.30 -25.42
CA ILE A 28 -6.74 -10.84 -24.92
C ILE A 28 -6.99 -11.49 -23.58
N ILE A 29 -7.07 -10.69 -22.56
CA ILE A 29 -7.35 -11.15 -21.21
C ILE A 29 -8.79 -10.74 -20.85
N GLY A 30 -9.59 -11.68 -20.41
CA GLY A 30 -10.98 -11.40 -20.06
C GLY A 30 -11.85 -11.32 -21.34
N GLY A 31 -11.46 -12.04 -22.38
CA GLY A 31 -12.10 -11.97 -23.69
C GLY A 31 -13.43 -12.68 -23.81
N THR A 32 -14.37 -12.13 -23.04
CA THR A 32 -15.78 -12.46 -23.07
C THR A 32 -16.34 -13.13 -24.29
N GLY A 33 -16.53 -14.45 -24.27
CA GLY A 33 -17.21 -15.18 -25.34
C GLY A 33 -16.43 -15.32 -26.63
N LEU A 34 -15.12 -15.04 -26.62
CA LEU A 34 -14.36 -15.12 -27.89
C LEU A 34 -13.89 -16.52 -28.21
N ASP A 35 -13.80 -17.37 -27.17
CA ASP A 35 -13.46 -18.79 -27.36
C ASP A 35 -14.68 -19.53 -27.86
N ASP A 36 -14.95 -19.46 -29.16
CA ASP A 36 -16.14 -20.01 -29.77
C ASP A 36 -15.81 -20.35 -31.21
N PRO A 37 -16.19 -21.54 -31.70
CA PRO A 37 -15.84 -21.95 -33.08
C PRO A 37 -16.33 -21.01 -34.19
N GLU A 38 -17.38 -20.24 -33.92
CA GLU A 38 -17.92 -19.29 -34.89
C GLU A 38 -17.03 -18.05 -35.04
N ILE A 39 -16.13 -17.82 -34.07
CA ILE A 39 -15.25 -16.64 -33.95
C ILE A 39 -13.78 -17.00 -34.14
N LEU A 40 -13.30 -17.93 -33.31
CA LEU A 40 -11.87 -18.26 -33.23
C LEU A 40 -11.63 -19.39 -34.23
N GLU A 41 -10.92 -19.06 -35.30
CA GLU A 41 -10.65 -20.03 -36.38
C GLU A 41 -9.25 -20.57 -36.17
N GLY A 42 -9.04 -21.84 -36.53
CA GLY A 42 -7.76 -22.51 -36.33
C GLY A 42 -7.38 -22.64 -34.85
N ARG A 43 -8.38 -22.90 -34.02
CA ARG A 43 -8.20 -22.93 -32.58
C ARG A 43 -7.13 -23.91 -32.16
N THR A 44 -6.38 -23.55 -31.14
CA THR A 44 -5.45 -24.46 -30.52
C THR A 44 -5.26 -24.03 -29.03
N GLU A 45 -5.03 -25.01 -28.15
CA GLU A 45 -4.96 -24.77 -26.72
C GLU A 45 -3.65 -25.29 -26.17
N LYS A 46 -2.97 -24.48 -25.38
CA LYS A 46 -1.57 -24.68 -25.04
C LYS A 46 -1.31 -24.24 -23.59
N TYR A 47 -0.94 -25.19 -22.73
CA TYR A 47 -0.49 -24.88 -21.35
C TYR A 47 1.00 -24.56 -21.41
N VAL A 48 1.41 -23.50 -20.73
CA VAL A 48 2.82 -23.08 -20.73
C VAL A 48 3.41 -22.91 -19.34
N ASP A 49 4.73 -22.98 -19.28
CA ASP A 49 5.51 -22.68 -18.10
C ASP A 49 6.26 -21.40 -18.42
N THR A 50 6.49 -20.58 -17.40
CA THR A 50 7.34 -19.39 -17.51
C THR A 50 8.35 -19.39 -16.38
N PRO A 51 9.38 -18.54 -16.49
CA PRO A 51 10.28 -18.40 -15.34
C PRO A 51 9.63 -17.88 -14.07
N PHE A 52 8.42 -17.35 -14.19
CA PHE A 52 7.66 -16.81 -13.04
C PHE A 52 6.55 -17.74 -12.57
N GLY A 53 6.51 -18.93 -13.16
CA GLY A 53 5.50 -19.94 -12.84
C GLY A 53 4.48 -20.12 -13.95
N LYS A 54 3.36 -20.75 -13.58
CA LYS A 54 2.29 -21.06 -14.52
C LYS A 54 1.32 -19.92 -14.67
N PRO A 55 0.89 -19.63 -15.92
CA PRO A 55 -0.16 -18.66 -16.10
C PRO A 55 -1.45 -19.14 -15.47
N SER A 56 -2.40 -18.23 -15.36
CA SER A 56 -3.72 -18.55 -14.78
C SER A 56 -4.39 -19.74 -15.42
N ASP A 57 -4.12 -19.98 -16.69
CA ASP A 57 -4.82 -20.99 -17.48
C ASP A 57 -4.08 -21.17 -18.79
N ALA A 58 -4.48 -22.18 -19.54
CA ALA A 58 -3.94 -22.39 -20.88
C ALA A 58 -4.20 -21.17 -21.75
N LEU A 59 -3.29 -20.98 -22.69
CA LEU A 59 -3.39 -19.98 -23.72
C LEU A 59 -4.18 -20.60 -24.87
N ILE A 60 -5.18 -19.89 -25.35
CA ILE A 60 -6.04 -20.36 -26.44
C ILE A 60 -5.61 -19.60 -27.67
N LEU A 61 -5.04 -20.31 -28.61
CA LEU A 61 -4.49 -19.66 -29.78
C LEU A 61 -5.42 -19.81 -30.98
N GLY A 62 -5.53 -18.76 -31.79
CA GLY A 62 -6.26 -18.82 -33.09
C GLY A 62 -6.36 -17.47 -33.81
N LYS A 63 -7.09 -17.46 -34.93
CA LYS A 63 -7.34 -16.23 -35.67
C LYS A 63 -8.77 -15.77 -35.49
N ILE A 64 -8.94 -14.47 -35.25
CA ILE A 64 -10.24 -13.79 -35.18
C ILE A 64 -10.22 -12.73 -36.26
N LYS A 65 -11.17 -12.79 -37.20
CA LYS A 65 -11.26 -11.91 -38.37
C LYS A 65 -9.90 -11.75 -39.04
N ASN A 66 -9.27 -12.91 -39.20
CA ASN A 66 -7.96 -12.99 -39.81
C ASN A 66 -6.80 -12.36 -39.06
N VAL A 67 -6.95 -12.09 -37.76
CA VAL A 67 -5.88 -11.53 -36.95
C VAL A 67 -5.51 -12.55 -35.89
N ASP A 68 -4.21 -12.76 -35.71
CA ASP A 68 -3.74 -13.74 -34.75
C ASP A 68 -4.04 -13.24 -33.35
N CYS A 69 -4.67 -14.09 -32.56
CA CYS A 69 -4.96 -13.76 -31.18
C CYS A 69 -4.55 -14.87 -30.21
N VAL A 70 -4.42 -14.49 -28.94
CA VAL A 70 -4.09 -15.42 -27.87
C VAL A 70 -5.00 -15.02 -26.69
N LEU A 71 -5.90 -15.90 -26.29
CA LEU A 71 -6.85 -15.63 -25.24
C LEU A 71 -6.32 -16.21 -23.95
N LEU A 72 -6.44 -15.45 -22.86
CA LEU A 72 -6.09 -15.94 -21.55
C LEU A 72 -7.15 -15.54 -20.50
N ALA A 73 -7.69 -16.54 -19.80
CA ALA A 73 -8.63 -16.33 -18.69
C ALA A 73 -7.87 -15.96 -17.39
N ARG A 74 -8.12 -14.76 -16.88
CA ARG A 74 -7.40 -14.22 -15.73
C ARG A 74 -7.57 -15.01 -14.42
N HIS A 75 -8.79 -15.47 -14.16
CA HIS A 75 -9.12 -16.16 -12.90
C HIS A 75 -9.10 -17.68 -13.09
N GLY A 76 -8.70 -18.10 -14.29
CA GLY A 76 -8.68 -19.50 -14.66
C GLY A 76 -10.05 -19.97 -15.06
N ARG A 77 -10.07 -21.09 -15.78
CA ARG A 77 -11.32 -21.81 -16.04
C ARG A 77 -11.86 -22.30 -14.67
N GLN A 78 -13.11 -21.92 -14.37
CA GLN A 78 -13.76 -22.10 -13.04
C GLN A 78 -13.46 -20.96 -12.02
N HIS A 79 -12.96 -19.78 -12.49
CA HIS A 79 -12.76 -18.55 -11.67
C HIS A 79 -12.38 -18.80 -10.18
N THR A 80 -11.29 -19.53 -9.96
CA THR A 80 -10.89 -20.06 -8.67
C THR A 80 -9.87 -19.18 -7.91
N ILE A 81 -9.35 -18.06 -8.45
CA ILE A 81 -8.22 -17.30 -7.75
C ILE A 81 -8.45 -15.81 -7.40
N MET A 82 -8.11 -15.42 -6.16
CA MET A 82 -8.33 -14.03 -5.70
C MET A 82 -7.41 -13.08 -6.47
N PRO A 83 -7.88 -11.86 -6.75
CA PRO A 83 -7.06 -10.95 -7.53
C PRO A 83 -5.66 -10.73 -6.99
N SER A 84 -5.49 -10.77 -5.65
CA SER A 84 -4.18 -10.62 -5.01
C SER A 84 -3.20 -11.72 -5.41
N LYS A 85 -3.73 -12.91 -5.68
CA LYS A 85 -2.91 -14.09 -5.93
C LYS A 85 -2.81 -14.51 -7.40
N VAL A 86 -3.43 -13.77 -8.30
CA VAL A 86 -3.21 -13.99 -9.75
C VAL A 86 -1.72 -13.81 -10.07
N ASN A 87 -1.20 -14.71 -10.90
CA ASN A 87 0.18 -14.65 -11.32
C ASN A 87 0.32 -13.76 -12.58
N TYR A 88 0.25 -12.45 -12.32
CA TYR A 88 0.35 -11.43 -13.33
C TYR A 88 1.68 -11.54 -14.08
N GLN A 89 2.78 -11.79 -13.34
CA GLN A 89 4.07 -11.99 -14.01
C GLN A 89 4.04 -13.12 -15.07
N ALA A 90 3.58 -14.31 -14.65
CA ALA A 90 3.48 -15.43 -15.58
C ALA A 90 2.54 -15.14 -16.76
N ASN A 91 1.39 -14.52 -16.46
CA ASN A 91 0.44 -14.19 -17.54
C ASN A 91 1.09 -13.29 -18.61
N ILE A 92 1.67 -12.18 -18.18
CA ILE A 92 2.29 -11.23 -19.16
C ILE A 92 3.52 -11.86 -19.81
N TRP A 93 4.38 -12.53 -19.05
CA TRP A 93 5.53 -13.20 -19.68
C TRP A 93 5.10 -14.19 -20.75
N ALA A 94 4.04 -14.96 -20.48
CA ALA A 94 3.56 -15.96 -21.48
C ALA A 94 3.07 -15.32 -22.78
N LEU A 95 2.34 -14.22 -22.62
CA LEU A 95 1.84 -13.49 -23.79
C LEU A 95 3.00 -12.88 -24.58
N LYS A 96 3.97 -12.33 -23.87
CA LYS A 96 5.20 -11.84 -24.52
C LYS A 96 5.90 -12.95 -25.31
N GLU A 97 6.12 -14.09 -24.65
CA GLU A 97 6.82 -15.24 -25.28
C GLU A 97 6.10 -15.83 -26.50
N GLU A 98 4.76 -15.69 -26.53
CA GLU A 98 3.96 -16.15 -27.67
C GLU A 98 4.07 -15.18 -28.84
N GLY A 99 4.61 -13.99 -28.61
CA GLY A 99 4.82 -12.99 -29.67
C GLY A 99 3.76 -11.90 -29.70
N CYS A 100 3.03 -11.71 -28.62
CA CYS A 100 2.00 -10.70 -28.66
C CYS A 100 2.63 -9.31 -28.80
N THR A 101 2.15 -8.53 -29.75
CA THR A 101 2.53 -7.11 -29.86
C THR A 101 1.64 -6.21 -29.00
N HIS A 102 0.40 -6.66 -28.85
CA HIS A 102 -0.67 -5.95 -28.17
C HIS A 102 -1.33 -6.82 -27.12
N VAL A 103 -1.81 -6.19 -26.08
CA VAL A 103 -2.72 -6.84 -25.18
C VAL A 103 -3.91 -5.93 -25.03
N ILE A 104 -5.09 -6.51 -25.13
CA ILE A 104 -6.33 -5.81 -24.82
C ILE A 104 -7.04 -6.65 -23.77
N VAL A 105 -7.40 -5.99 -22.69
CA VAL A 105 -8.07 -6.68 -21.64
C VAL A 105 -9.48 -6.10 -21.45
N THR A 106 -10.36 -6.89 -20.85
CA THR A 106 -11.55 -6.35 -20.28
C THR A 106 -11.47 -6.49 -18.72
N THR A 107 -12.11 -5.56 -18.02
CA THR A 107 -12.31 -5.67 -16.63
C THR A 107 -13.72 -5.13 -16.23
N ALA A 108 -14.40 -5.78 -15.33
CA ALA A 108 -15.49 -5.13 -14.58
C ALA A 108 -14.92 -4.06 -13.60
N CYS A 109 -15.76 -3.10 -13.19
CA CYS A 109 -15.33 -2.08 -12.25
C CYS A 109 -16.53 -1.39 -11.62
N GLY A 110 -16.25 -0.71 -10.56
CA GLY A 110 -17.24 0.14 -9.89
C GLY A 110 -17.09 1.51 -10.42
N SER A 111 -18.23 2.20 -10.59
CA SER A 111 -18.21 3.62 -10.94
C SER A 111 -18.12 4.52 -9.69
N LEU A 112 -17.18 5.47 -9.73
CA LEU A 112 -17.06 6.51 -8.70
C LEU A 112 -17.64 7.84 -9.15
N ARG A 113 -18.32 7.90 -10.31
CA ARG A 113 -18.81 9.16 -10.83
C ARG A 113 -20.24 8.99 -11.30
N GLU A 114 -21.06 9.98 -11.03
CA GLU A 114 -22.47 9.86 -11.46
C GLU A 114 -22.65 9.54 -12.97
N GLU A 115 -21.91 10.26 -13.76
CA GLU A 115 -22.05 10.21 -15.22
C GLU A 115 -21.50 8.87 -15.83
N ILE A 116 -20.74 8.08 -15.05
CA ILE A 116 -20.36 6.77 -15.48
C ILE A 116 -21.39 5.81 -14.93
N GLN A 117 -22.38 5.48 -15.77
CA GLN A 117 -23.47 4.60 -15.38
C GLN A 117 -23.07 3.11 -15.50
N PRO A 118 -23.71 2.22 -14.70
CA PRO A 118 -23.59 0.80 -14.88
C PRO A 118 -23.93 0.45 -16.30
N GLY A 119 -23.06 -0.34 -16.94
CA GLY A 119 -23.25 -0.71 -18.36
C GLY A 119 -22.35 0.12 -19.28
N ASP A 120 -21.84 1.26 -18.80
CA ASP A 120 -20.95 2.13 -19.60
C ASP A 120 -19.54 1.53 -19.73
N ILE A 121 -18.94 1.80 -20.88
CA ILE A 121 -17.56 1.49 -21.15
C ILE A 121 -16.69 2.66 -20.78
N VAL A 122 -15.52 2.37 -20.21
CA VAL A 122 -14.55 3.42 -19.85
C VAL A 122 -13.20 3.00 -20.42
N ILE A 123 -12.66 3.79 -21.32
CA ILE A 123 -11.35 3.50 -21.90
C ILE A 123 -10.31 4.21 -21.04
N ILE A 124 -9.92 3.56 -19.96
CA ILE A 124 -9.07 4.17 -18.94
C ILE A 124 -7.72 4.62 -19.50
N ASP A 125 -7.19 5.70 -18.93
CA ASP A 125 -5.91 6.24 -19.35
C ASP A 125 -4.94 6.44 -18.18
N GLN A 126 -5.42 6.27 -16.94
CA GLN A 126 -4.55 6.41 -15.76
C GLN A 126 -4.94 5.39 -14.71
N PHE A 127 -4.04 5.18 -13.72
CA PHE A 127 -4.37 4.39 -12.57
C PHE A 127 -3.84 5.03 -11.27
N ILE A 128 -4.41 4.60 -10.17
CA ILE A 128 -3.90 4.89 -8.75
C ILE A 128 -3.77 3.52 -8.16
N ASP A 129 -2.60 3.21 -7.71
CA ASP A 129 -2.30 1.93 -7.08
C ASP A 129 -2.64 1.94 -5.60
N ARG A 130 -3.60 1.09 -5.21
CA ARG A 130 -3.84 0.84 -3.82
C ARG A 130 -3.59 -0.60 -3.45
N THR A 131 -2.88 -1.33 -4.30
CA THR A 131 -2.44 -2.67 -3.95
C THR A 131 -1.24 -2.64 -2.95
N THR A 132 -1.06 -3.75 -2.23
CA THR A 132 0.03 -3.88 -1.25
C THR A 132 0.84 -5.16 -1.39
N MET A 133 0.25 -6.20 -1.92
CA MET A 133 0.93 -7.49 -1.90
C MET A 133 1.64 -7.93 -3.17
N ARG A 134 1.74 -7.07 -4.16
CA ARG A 134 1.92 -7.59 -5.53
C ARG A 134 3.31 -7.26 -6.11
N PRO A 135 4.07 -8.29 -6.55
CA PRO A 135 5.22 -8.01 -7.44
C PRO A 135 4.78 -7.22 -8.66
N GLN A 136 5.53 -6.17 -9.00
CA GLN A 136 5.22 -5.29 -10.12
C GLN A 136 6.33 -5.21 -11.17
N SER A 137 7.32 -6.07 -11.10
CA SER A 137 8.39 -6.05 -12.08
C SER A 137 8.87 -7.46 -12.33
N PHE A 138 9.34 -7.69 -13.55
CA PHE A 138 10.06 -8.88 -13.82
C PHE A 138 11.49 -8.89 -13.28
N TYR A 139 12.02 -7.70 -12.98
CA TYR A 139 13.44 -7.51 -12.74
C TYR A 139 13.63 -7.52 -11.25
N ASP A 140 13.52 -8.72 -10.68
CA ASP A 140 13.41 -8.92 -9.25
C ASP A 140 14.68 -9.50 -8.58
N GLY A 141 15.80 -9.50 -9.31
CA GLY A 141 17.08 -10.01 -8.82
C GLY A 141 17.28 -11.51 -8.91
N SER A 142 16.21 -12.26 -9.19
CA SER A 142 16.15 -13.72 -9.02
C SER A 142 15.89 -14.49 -10.32
N HIS A 143 15.98 -13.82 -11.45
CA HIS A 143 15.70 -14.47 -12.75
C HIS A 143 16.75 -14.04 -13.77
N SER A 144 17.51 -14.99 -14.31
CA SER A 144 18.48 -14.68 -15.33
C SER A 144 17.83 -14.12 -16.59
N CYS A 145 16.53 -14.44 -16.80
CA CYS A 145 15.79 -13.94 -17.97
C CYS A 145 15.52 -12.42 -17.91
N ALA A 146 15.69 -11.82 -16.72
CA ALA A 146 15.41 -10.38 -16.49
C ALA A 146 16.41 -9.76 -15.48
N ARG A 147 17.64 -9.53 -15.96
CA ARG A 147 18.76 -9.08 -15.15
C ARG A 147 18.74 -7.56 -14.94
N GLY A 148 19.04 -7.13 -13.74
CA GLY A 148 19.23 -5.72 -13.41
C GLY A 148 18.05 -5.14 -12.69
N VAL A 149 18.01 -3.80 -12.52
CA VAL A 149 16.82 -3.07 -11.98
C VAL A 149 16.10 -2.19 -13.01
N CYS A 150 14.80 -2.35 -13.07
CA CYS A 150 13.96 -1.72 -14.06
C CYS A 150 13.10 -0.70 -13.40
N HIS A 151 13.27 0.54 -13.83
CA HIS A 151 12.38 1.61 -13.34
C HIS A 151 11.52 2.14 -14.52
N ILE A 152 10.44 1.48 -14.76
CA ILE A 152 9.66 1.72 -16.03
C ILE A 152 8.81 3.01 -15.83
N PRO A 153 8.80 3.91 -16.85
CA PRO A 153 7.97 5.11 -16.75
C PRO A 153 6.47 4.78 -16.87
N MET A 154 5.66 5.54 -16.10
CA MET A 154 4.24 5.32 -16.00
C MET A 154 3.41 6.59 -16.19
N ALA A 155 3.99 7.62 -16.77
CA ALA A 155 3.30 8.87 -17.10
C ALA A 155 2.08 8.57 -17.99
N GLU A 156 2.27 7.68 -18.93
CA GLU A 156 1.19 7.21 -19.84
C GLU A 156 1.12 5.71 -19.84
N PRO A 157 0.44 5.13 -18.89
CA PRO A 157 0.53 3.69 -18.76
C PRO A 157 -0.14 2.88 -19.88
N PHE A 158 -1.13 3.51 -20.53
CA PHE A 158 -1.94 2.76 -21.53
C PHE A 158 -1.61 3.18 -22.98
N CYS A 159 -1.55 2.19 -23.84
CA CYS A 159 -1.25 2.44 -25.27
C CYS A 159 -2.19 3.44 -25.97
N PRO A 160 -1.73 4.65 -26.24
CA PRO A 160 -2.64 5.67 -26.78
C PRO A 160 -3.32 5.27 -28.10
N LYS A 161 -2.57 4.63 -28.96
CA LYS A 161 -3.16 4.29 -30.29
C LYS A 161 -4.27 3.27 -30.22
N THR A 162 -4.08 2.25 -29.40
CA THR A 162 -5.14 1.27 -29.15
C THR A 162 -6.35 1.95 -28.53
N ARG A 163 -6.11 2.78 -27.49
CA ARG A 163 -7.20 3.48 -26.86
C ARG A 163 -7.99 4.29 -27.84
N GLU A 164 -7.32 4.87 -28.83
CA GLU A 164 -8.02 5.66 -29.78
C GLU A 164 -8.97 4.85 -30.71
N VAL A 165 -8.50 3.67 -31.10
CA VAL A 165 -9.26 2.78 -31.90
C VAL A 165 -10.50 2.30 -31.08
N LEU A 166 -10.27 1.96 -29.84
CA LEU A 166 -11.36 1.57 -28.95
C LEU A 166 -12.46 2.64 -28.82
N ILE A 167 -12.05 3.87 -28.59
CA ILE A 167 -12.95 5.02 -28.53
C ILE A 167 -13.75 5.22 -29.83
N GLU A 168 -13.06 5.26 -30.94
CA GLU A 168 -13.73 5.48 -32.21
C GLU A 168 -14.67 4.29 -32.58
N THR A 169 -14.28 3.08 -32.20
CA THR A 169 -15.08 1.88 -32.43
C THR A 169 -16.40 1.86 -31.57
N ALA A 170 -16.29 2.26 -30.33
CA ALA A 170 -17.42 2.45 -29.42
C ALA A 170 -18.39 3.47 -29.96
N LYS A 171 -17.87 4.53 -30.55
CA LYS A 171 -18.74 5.52 -31.18
C LYS A 171 -19.47 4.95 -32.39
N LYS A 172 -18.75 4.21 -33.23
CA LYS A 172 -19.41 3.56 -34.38
C LYS A 172 -20.54 2.62 -34.02
N LEU A 173 -20.40 1.90 -32.92
CA LEU A 173 -21.43 1.02 -32.39
C LEU A 173 -22.58 1.71 -31.57
N GLY A 174 -22.35 3.02 -31.30
CA GLY A 174 -23.32 3.85 -30.60
C GLY A 174 -23.40 3.56 -29.11
N LEU A 175 -22.33 3.01 -28.54
CA LEU A 175 -22.29 2.64 -27.14
C LEU A 175 -21.95 3.80 -26.23
N ARG A 176 -22.61 3.89 -25.08
CA ARG A 176 -22.18 4.81 -24.01
C ARG A 176 -20.72 4.52 -23.58
N CYS A 177 -19.82 5.48 -23.78
CA CYS A 177 -18.41 5.23 -23.61
C CYS A 177 -17.76 6.49 -23.07
N HIS A 178 -16.75 6.30 -22.25
CA HIS A 178 -16.02 7.44 -21.69
C HIS A 178 -14.56 7.39 -22.15
N SER A 179 -14.12 8.49 -22.72
CA SER A 179 -12.78 8.50 -23.40
C SER A 179 -11.54 8.50 -22.53
N LYS A 180 -11.75 8.76 -21.25
CA LYS A 180 -10.65 8.72 -20.29
C LYS A 180 -11.17 8.34 -18.97
N GLY A 181 -10.27 8.02 -18.03
CA GLY A 181 -10.71 7.62 -16.75
C GLY A 181 -9.52 7.12 -15.94
N THR A 182 -9.57 7.44 -14.65
CA THR A 182 -8.57 6.93 -13.71
C THR A 182 -9.10 5.76 -12.90
N MET A 183 -8.44 4.63 -13.02
CA MET A 183 -8.80 3.43 -12.29
C MET A 183 -8.00 3.35 -11.02
N VAL A 184 -8.64 3.27 -9.87
CA VAL A 184 -7.99 2.90 -8.62
C VAL A 184 -8.10 1.38 -8.49
N THR A 185 -6.94 0.72 -8.30
CA THR A 185 -6.90 -0.70 -8.10
C THR A 185 -6.67 -0.98 -6.65
N ILE A 186 -7.63 -1.61 -6.00
CA ILE A 186 -7.53 -1.94 -4.59
C ILE A 186 -7.00 -3.37 -4.47
N GLU A 187 -6.47 -3.72 -3.29
CA GLU A 187 -5.86 -5.06 -3.07
C GLU A 187 -6.93 -6.18 -3.09
N GLY A 188 -8.05 -5.89 -2.45
CA GLY A 188 -9.17 -6.87 -2.31
C GLY A 188 -8.75 -7.98 -1.37
N PRO A 189 -9.52 -9.05 -1.26
CA PRO A 189 -10.71 -9.29 -2.09
C PRO A 189 -11.96 -8.57 -1.63
N ARG A 190 -11.91 -7.98 -0.43
CA ARG A 190 -13.06 -7.20 0.07
C ARG A 190 -13.32 -6.02 -0.81
N PHE A 191 -14.56 -5.59 -0.82
CA PHE A 191 -14.87 -4.30 -1.44
C PHE A 191 -14.46 -3.15 -0.45
N SER A 192 -14.54 -1.92 -0.96
CA SER A 192 -14.10 -0.71 -0.22
C SER A 192 -15.15 -0.34 0.81
N SER A 193 -14.67 0.18 1.97
CA SER A 193 -15.58 0.90 2.85
C SER A 193 -16.12 2.17 2.16
N ARG A 194 -17.18 2.71 2.72
CA ARG A 194 -17.66 4.00 2.24
C ARG A 194 -16.70 5.16 2.47
N ALA A 195 -15.95 5.18 3.60
CA ALA A 195 -14.95 6.21 3.75
C ALA A 195 -13.86 6.12 2.68
N GLU A 196 -13.44 4.89 2.34
CA GLU A 196 -12.50 4.67 1.29
C GLU A 196 -13.05 5.14 -0.08
N SER A 197 -14.29 4.75 -0.35
CA SER A 197 -14.90 5.15 -1.60
C SER A 197 -14.89 6.67 -1.80
N PHE A 198 -15.28 7.40 -0.76
CA PHE A 198 -15.27 8.84 -0.82
C PHE A 198 -13.86 9.41 -0.98
N MET A 199 -12.91 8.87 -0.27
CA MET A 199 -11.57 9.41 -0.36
C MET A 199 -10.99 9.19 -1.77
N PHE A 200 -11.33 8.05 -2.37
CA PHE A 200 -10.87 7.77 -3.75
C PHE A 200 -11.40 8.83 -4.76
N ARG A 201 -12.64 9.23 -4.57
CA ARG A 201 -13.22 10.32 -5.34
C ARG A 201 -12.47 11.59 -5.23
N THR A 202 -12.13 11.96 -3.99
CA THR A 202 -11.34 13.15 -3.81
C THR A 202 -9.97 13.06 -4.39
N TRP A 203 -9.35 11.88 -4.43
CA TRP A 203 -8.02 11.70 -5.07
C TRP A 203 -8.06 11.77 -6.62
N GLY A 204 -9.24 11.85 -7.20
CA GLY A 204 -9.46 11.87 -8.63
C GLY A 204 -9.73 10.54 -9.33
N ALA A 205 -10.01 9.48 -8.59
CA ALA A 205 -10.32 8.21 -9.25
C ALA A 205 -11.72 8.26 -9.81
N ASP A 206 -11.93 7.60 -10.95
CA ASP A 206 -13.26 7.56 -11.63
C ASP A 206 -13.94 6.23 -11.62
N VAL A 207 -13.15 5.18 -11.59
CA VAL A 207 -13.60 3.81 -11.50
C VAL A 207 -12.68 3.03 -10.59
N ILE A 208 -13.15 1.89 -10.17
CA ILE A 208 -12.45 1.05 -9.16
C ILE A 208 -12.44 -0.45 -9.48
N ASN A 209 -11.29 -1.10 -9.31
CA ASN A 209 -11.20 -2.54 -9.60
C ASN A 209 -10.12 -3.19 -8.80
N MET A 210 -9.83 -4.45 -9.12
CA MET A 210 -8.82 -5.21 -8.33
C MET A 210 -7.67 -5.80 -9.16
N THR A 211 -7.68 -5.59 -10.47
CA THR A 211 -6.69 -6.25 -11.34
C THR A 211 -5.82 -5.35 -12.23
N THR A 212 -6.14 -4.07 -12.43
CA THR A 212 -5.34 -3.30 -13.44
C THR A 212 -3.84 -3.20 -13.06
N VAL A 213 -3.57 -2.90 -11.82
CA VAL A 213 -2.21 -2.96 -11.29
C VAL A 213 -2.00 -4.37 -10.72
N PRO A 214 -0.95 -5.09 -11.10
CA PRO A 214 0.18 -4.62 -11.87
C PRO A 214 0.22 -5.07 -13.33
N GLU A 215 -0.88 -5.62 -13.83
CA GLU A 215 -0.99 -6.05 -15.24
C GLU A 215 -0.45 -5.00 -16.24
N VAL A 216 -0.91 -3.77 -16.07
CA VAL A 216 -0.51 -2.67 -16.91
C VAL A 216 1.03 -2.38 -16.80
N VAL A 217 1.55 -2.45 -15.59
CA VAL A 217 2.97 -2.17 -15.31
C VAL A 217 3.90 -3.20 -16.02
N LEU A 218 3.56 -4.47 -15.81
CA LEU A 218 4.34 -5.55 -16.37
C LEU A 218 4.27 -5.55 -17.88
N ALA A 219 3.12 -5.24 -18.47
CA ALA A 219 3.01 -5.19 -19.95
C ALA A 219 3.94 -4.15 -20.52
N LYS A 220 4.03 -3.02 -19.81
CA LYS A 220 4.90 -1.93 -20.17
C LYS A 220 6.38 -2.34 -20.05
N GLU A 221 6.76 -3.05 -18.99
CA GLU A 221 8.12 -3.60 -18.93
C GLU A 221 8.46 -4.54 -20.10
N ALA A 222 7.45 -5.27 -20.56
CA ALA A 222 7.57 -6.21 -21.68
C ALA A 222 7.52 -5.57 -23.05
N GLY A 223 7.30 -4.26 -23.13
CA GLY A 223 7.36 -3.57 -24.41
C GLY A 223 6.11 -3.85 -25.22
N ILE A 224 5.03 -4.22 -24.53
CA ILE A 224 3.72 -4.53 -25.18
C ILE A 224 2.76 -3.33 -25.11
N CYS A 225 2.05 -3.10 -26.21
CA CYS A 225 1.07 -2.03 -26.29
C CYS A 225 -0.24 -2.59 -25.60
N TYR A 226 -0.56 -2.04 -24.45
CA TYR A 226 -1.59 -2.57 -23.55
C TYR A 226 -2.70 -1.55 -23.42
N ALA A 227 -3.94 -2.00 -23.54
CA ALA A 227 -5.11 -1.15 -23.29
C ALA A 227 -6.21 -1.94 -22.59
N SER A 228 -7.05 -1.19 -21.88
CA SER A 228 -8.09 -1.84 -21.09
C SER A 228 -9.50 -1.32 -21.42
N ILE A 229 -10.44 -2.25 -21.55
CA ILE A 229 -11.87 -1.95 -21.68
C ILE A 229 -12.48 -2.15 -20.31
N ALA A 230 -12.86 -1.08 -19.63
CA ALA A 230 -13.48 -1.19 -18.31
C ALA A 230 -15.00 -1.07 -18.44
N MET A 231 -15.70 -2.02 -17.90
CA MET A 231 -17.19 -1.98 -17.92
C MET A 231 -17.68 -1.75 -16.47
N ALA A 232 -18.43 -0.68 -16.25
CA ALA A 232 -18.95 -0.35 -14.96
C ALA A 232 -20.11 -1.27 -14.67
N THR A 233 -20.09 -1.88 -13.51
CA THR A 233 -21.13 -2.85 -13.11
C THR A 233 -21.96 -2.42 -11.91
N ASP A 234 -21.59 -1.30 -11.30
CA ASP A 234 -22.18 -0.84 -10.02
C ASP A 234 -21.63 0.55 -9.72
N TYR A 235 -22.18 1.17 -8.66
CA TYR A 235 -21.71 2.46 -8.19
C TYR A 235 -20.96 2.33 -6.81
N ASP A 236 -20.26 1.21 -6.62
CA ASP A 236 -19.47 0.95 -5.44
C ASP A 236 -20.41 1.21 -4.24
N CYS A 237 -20.06 2.02 -3.26
CA CYS A 237 -21.00 2.29 -2.18
C CYS A 237 -21.13 3.78 -1.77
N TRP A 238 -20.73 4.71 -2.62
CA TRP A 238 -20.69 6.14 -2.24
C TRP A 238 -22.05 6.83 -2.40
N LYS A 239 -22.98 6.23 -3.13
CA LYS A 239 -24.09 6.92 -3.75
C LYS A 239 -25.36 6.85 -2.93
N GLU A 240 -26.18 7.90 -3.10
CA GLU A 240 -27.46 8.10 -2.36
C GLU A 240 -28.55 7.49 -3.13
N HIS A 241 -29.60 7.05 -2.44
CA HIS A 241 -30.76 6.42 -3.07
C HIS A 241 -30.33 5.39 -4.11
N GLU A 242 -29.19 4.73 -3.85
CA GLU A 242 -28.61 3.68 -4.72
C GLU A 242 -28.17 2.53 -3.76
N GLU A 243 -28.28 1.29 -4.26
CA GLU A 243 -27.91 0.09 -3.44
C GLU A 243 -26.42 -0.24 -3.64
N ALA A 244 -25.75 -0.63 -2.55
CA ALA A 244 -24.28 -0.86 -2.61
C ALA A 244 -23.93 -2.10 -3.45
N VAL A 245 -22.70 -2.13 -3.92
CA VAL A 245 -22.13 -3.26 -4.56
C VAL A 245 -22.17 -4.57 -3.74
N SER A 246 -22.37 -5.65 -4.47
CA SER A 246 -22.28 -7.05 -3.99
C SER A 246 -21.84 -7.93 -5.17
N VAL A 247 -21.35 -9.13 -4.87
CA VAL A 247 -21.01 -10.09 -5.93
C VAL A 247 -22.23 -10.32 -6.86
N ASP A 248 -23.39 -10.48 -6.25
CA ASP A 248 -24.62 -10.75 -7.03
C ASP A 248 -25.00 -9.58 -7.98
N ARG A 249 -24.83 -8.33 -7.54
CA ARG A 249 -25.11 -7.14 -8.38
C ARG A 249 -24.12 -7.01 -9.52
N VAL A 250 -22.85 -7.29 -9.24
CA VAL A 250 -21.84 -7.24 -10.31
C VAL A 250 -22.20 -8.29 -11.37
N LEU A 251 -22.48 -9.49 -10.93
CA LEU A 251 -22.71 -10.61 -11.83
C LEU A 251 -23.92 -10.39 -12.76
N LYS A 252 -24.97 -9.86 -12.17
CA LYS A 252 -26.15 -9.54 -12.89
C LYS A 252 -25.86 -8.50 -13.97
N THR A 253 -25.13 -7.46 -13.60
CA THR A 253 -24.82 -6.35 -14.54
C THR A 253 -23.85 -6.76 -15.67
N LEU A 254 -22.83 -7.53 -15.31
CA LEU A 254 -22.07 -8.21 -16.32
C LEU A 254 -22.86 -9.05 -17.34
N LYS A 255 -23.71 -9.93 -16.85
CA LYS A 255 -24.58 -10.73 -17.70
C LYS A 255 -25.37 -9.82 -18.66
N GLU A 256 -26.04 -8.79 -18.15
CA GLU A 256 -26.89 -7.92 -19.03
C GLU A 256 -26.06 -7.16 -20.10
N ASN A 257 -24.77 -6.94 -19.84
CA ASN A 257 -23.96 -6.03 -20.65
C ASN A 257 -22.76 -6.65 -21.34
N ALA A 258 -22.54 -7.95 -21.18
CA ALA A 258 -21.35 -8.60 -21.75
C ALA A 258 -21.28 -8.48 -23.28
N ASN A 259 -22.44 -8.57 -23.91
CA ASN A 259 -22.53 -8.41 -25.38
C ASN A 259 -21.84 -7.15 -25.96
N LYS A 260 -21.86 -6.04 -25.18
CA LYS A 260 -21.14 -4.77 -25.47
C LYS A 260 -19.63 -4.89 -25.65
N ALA A 261 -18.97 -5.37 -24.58
CA ALA A 261 -17.49 -5.54 -24.67
C ALA A 261 -17.16 -6.57 -25.77
N LYS A 262 -18.03 -7.57 -26.00
CA LYS A 262 -17.73 -8.60 -26.96
C LYS A 262 -17.77 -8.00 -28.38
N SER A 263 -18.83 -7.26 -28.67
CA SER A 263 -18.93 -6.51 -29.96
C SER A 263 -17.72 -5.53 -30.16
N LEU A 264 -17.35 -4.86 -29.07
CA LEU A 264 -16.31 -3.83 -29.10
C LEU A 264 -14.96 -4.45 -29.55
N LEU A 265 -14.70 -5.58 -28.92
CA LEU A 265 -13.48 -6.35 -29.21
C LEU A 265 -13.53 -6.83 -30.61
N LEU A 266 -14.65 -7.49 -30.96
CA LEU A 266 -14.74 -8.11 -32.26
C LEU A 266 -14.60 -7.04 -33.35
N THR A 267 -14.99 -5.81 -33.10
CA THR A 267 -14.91 -4.76 -34.10
C THR A 267 -13.54 -4.03 -34.03
N THR A 268 -12.96 -4.01 -32.84
CA THR A 268 -11.63 -3.38 -32.68
C THR A 268 -10.52 -4.23 -33.38
N ILE A 269 -10.58 -5.55 -33.16
CA ILE A 269 -9.54 -6.51 -33.63
C ILE A 269 -9.01 -6.32 -35.08
N PRO A 270 -9.91 -6.34 -36.08
CA PRO A 270 -9.50 -6.01 -37.44
C PRO A 270 -8.97 -4.61 -37.65
N GLN A 271 -9.43 -3.60 -36.93
CA GLN A 271 -8.83 -2.27 -37.06
C GLN A 271 -7.37 -2.28 -36.53
N ILE A 272 -7.09 -3.00 -35.44
CA ILE A 272 -5.70 -3.12 -34.92
C ILE A 272 -4.82 -3.78 -35.99
N GLY A 273 -5.37 -4.82 -36.59
CA GLY A 273 -4.74 -5.53 -37.68
C GLY A 273 -4.36 -4.69 -38.90
N SER A 274 -5.18 -3.69 -39.26
CA SER A 274 -4.87 -2.82 -40.41
C SER A 274 -4.16 -1.48 -40.04
N THR A 275 -3.80 -1.26 -38.78
CA THR A 275 -3.16 0.00 -38.35
C THR A 275 -1.63 -0.20 -38.44
N GLU A 276 -0.88 0.87 -38.74
CA GLU A 276 0.64 0.89 -38.72
C GLU A 276 1.13 0.95 -37.26
N TRP A 277 2.10 0.08 -36.91
CA TRP A 277 2.57 0.01 -35.51
C TRP A 277 4.08 0.08 -35.35
N SER A 278 4.84 -0.05 -36.42
CA SER A 278 6.32 -0.21 -36.25
C SER A 278 6.98 0.84 -35.31
N GLU A 279 6.60 2.10 -35.48
CA GLU A 279 7.15 3.23 -34.71
C GLU A 279 6.71 3.17 -33.26
N THR A 280 5.42 2.95 -33.06
CA THR A 280 4.88 2.79 -31.73
C THR A 280 5.59 1.68 -30.99
N LEU A 281 5.76 0.52 -31.63
CA LEU A 281 6.34 -0.63 -30.90
C LEU A 281 7.85 -0.40 -30.70
N HIS A 282 8.45 0.28 -31.65
CA HIS A 282 9.90 0.61 -31.54
C HIS A 282 10.18 1.51 -30.28
N ASN A 283 9.35 2.52 -30.13
CA ASN A 283 9.40 3.40 -28.97
C ASN A 283 9.13 2.73 -27.66
N LEU A 284 8.15 1.83 -27.61
CA LEU A 284 7.92 1.01 -26.43
C LEU A 284 9.11 0.14 -26.10
N LYS A 285 9.70 -0.47 -27.12
CA LYS A 285 10.84 -1.30 -26.93
C LYS A 285 12.04 -0.52 -26.32
N ASN A 286 12.24 0.69 -26.84
CA ASN A 286 13.27 1.57 -26.38
C ASN A 286 13.03 2.03 -24.97
N MET A 287 11.80 2.45 -24.70
CA MET A 287 11.46 2.88 -23.35
C MET A 287 11.78 1.78 -22.33
N ALA A 288 11.43 0.54 -22.68
CA ALA A 288 11.63 -0.61 -21.77
C ALA A 288 13.10 -0.87 -21.61
N GLN A 289 13.83 -0.91 -22.72
CA GLN A 289 15.28 -1.14 -22.69
C GLN A 289 16.04 -0.09 -21.81
N PHE A 290 15.71 1.18 -22.00
CA PHE A 290 16.42 2.27 -21.34
C PHE A 290 15.98 2.50 -19.90
N SER A 291 15.01 1.71 -19.47
CA SER A 291 14.57 1.65 -18.08
C SER A 291 15.38 0.75 -17.17
N VAL A 292 16.21 -0.08 -17.75
CA VAL A 292 16.94 -1.10 -16.99
C VAL A 292 18.32 -0.64 -16.65
N LEU A 293 18.67 -0.70 -15.39
CA LEU A 293 20.06 -0.46 -14.95
C LEU A 293 20.85 -1.73 -14.68
N LEU A 294 22.12 -1.69 -15.07
CA LEU A 294 23.05 -2.81 -14.91
C LEU A 294 24.37 -2.21 -14.59
N PRO A 295 25.16 -2.88 -13.74
CA PRO A 295 26.58 -2.44 -13.50
C PRO A 295 27.57 -2.59 -14.67
N ALA B 23 31.93 11.53 21.28
CA ALA B 23 32.79 11.18 20.11
C ALA B 23 31.92 10.94 18.85
N VAL B 24 31.95 11.93 17.97
CA VAL B 24 31.11 11.95 16.76
C VAL B 24 31.62 10.92 15.77
N LYS B 25 30.70 10.15 15.19
CA LYS B 25 31.07 9.26 14.10
C LYS B 25 29.92 9.22 13.12
N ILE B 26 30.23 9.53 11.86
CA ILE B 26 29.23 9.82 10.83
C ILE B 26 29.15 8.72 9.80
N GLY B 27 28.02 8.02 9.85
CA GLY B 27 27.67 7.09 8.81
C GLY B 27 27.11 7.83 7.62
N ILE B 28 27.55 7.47 6.43
CA ILE B 28 27.17 8.19 5.22
C ILE B 28 26.68 7.19 4.19
N ILE B 29 25.41 7.31 3.82
CA ILE B 29 24.79 6.45 2.84
C ILE B 29 24.52 7.25 1.54
N GLY B 30 24.96 6.72 0.41
CA GLY B 30 24.89 7.47 -0.87
C GLY B 30 26.00 8.54 -0.99
N GLY B 31 27.14 8.34 -0.32
CA GLY B 31 28.18 9.37 -0.20
C GLY B 31 29.02 9.47 -1.48
N THR B 32 28.33 9.90 -2.53
CA THR B 32 28.82 10.25 -3.84
C THR B 32 30.30 10.78 -3.80
N GLY B 33 31.24 9.92 -4.24
CA GLY B 33 32.59 10.31 -4.50
C GLY B 33 33.44 10.47 -3.27
N LEU B 34 32.96 10.03 -2.11
CA LEU B 34 33.75 10.24 -0.91
C LEU B 34 34.84 9.18 -0.70
N ASP B 35 34.63 8.01 -1.30
CA ASP B 35 35.60 6.91 -1.25
C ASP B 35 36.73 7.21 -2.23
N ASP B 36 37.68 8.04 -1.80
CA ASP B 36 38.73 8.56 -2.66
C ASP B 36 39.90 8.89 -1.77
N PRO B 37 41.13 8.49 -2.15
CA PRO B 37 42.32 8.73 -1.29
C PRO B 37 42.59 10.20 -0.93
N GLU B 38 42.08 11.12 -1.74
CA GLU B 38 42.26 12.57 -1.49
C GLU B 38 41.36 13.09 -0.38
N ILE B 39 40.32 12.31 -0.04
CA ILE B 39 39.25 12.67 0.90
C ILE B 39 39.29 11.80 2.16
N LEU B 40 39.21 10.49 1.95
CA LEU B 40 39.13 9.52 3.00
C LEU B 40 40.53 9.11 3.39
N GLU B 41 40.94 9.53 4.61
CA GLU B 41 42.25 9.22 5.14
C GLU B 41 42.16 8.04 6.08
N GLY B 42 43.22 7.23 6.11
CA GLY B 42 43.24 6.02 6.92
C GLY B 42 42.20 4.99 6.52
N ARG B 43 41.98 4.88 5.21
CA ARG B 43 40.92 4.04 4.68
C ARG B 43 41.02 2.61 5.15
N THR B 44 39.87 2.00 5.40
CA THR B 44 39.81 0.59 5.70
C THR B 44 38.44 0.04 5.29
N GLU B 45 38.40 -1.21 4.83
CA GLU B 45 37.17 -1.79 4.27
C GLU B 45 36.81 -3.06 5.01
N LYS B 46 35.54 -3.19 5.39
CA LYS B 46 35.10 -4.18 6.37
C LYS B 46 33.71 -4.74 6.03
N TYR B 47 33.63 -6.03 5.71
CA TYR B 47 32.35 -6.71 5.48
C TYR B 47 31.86 -7.18 6.84
N VAL B 48 30.57 -6.95 7.12
CA VAL B 48 29.96 -7.32 8.40
C VAL B 48 28.69 -8.15 8.27
N ASP B 49 28.40 -8.87 9.33
CA ASP B 49 27.16 -9.64 9.45
C ASP B 49 26.36 -8.94 10.54
N THR B 50 25.04 -8.99 10.40
CA THR B 50 24.13 -8.50 11.42
C THR B 50 23.06 -9.53 11.70
N PRO B 51 22.33 -9.37 12.81
CA PRO B 51 21.19 -10.26 13.07
C PRO B 51 20.07 -10.18 12.03
N PHE B 52 20.10 -9.15 11.20
CA PHE B 52 19.11 -8.98 10.12
C PHE B 52 19.67 -9.35 8.75
N GLY B 53 20.91 -9.87 8.70
CA GLY B 53 21.59 -10.25 7.46
C GLY B 53 22.73 -9.35 7.11
N LYS B 54 23.16 -9.45 5.86
CA LYS B 54 24.31 -8.69 5.36
C LYS B 54 23.88 -7.31 4.92
N PRO B 55 24.67 -6.27 5.27
CA PRO B 55 24.41 -4.97 4.67
C PRO B 55 24.55 -5.00 3.13
N SER B 56 24.08 -3.93 2.47
CA SER B 56 24.18 -3.80 1.00
C SER B 56 25.61 -4.02 0.45
N ASP B 57 26.63 -3.74 1.24
CA ASP B 57 28.02 -3.74 0.79
C ASP B 57 28.93 -3.61 2.04
N ALA B 58 30.21 -3.76 1.83
CA ALA B 58 31.20 -3.46 2.87
C ALA B 58 31.09 -2.04 3.36
N LEU B 59 31.42 -1.88 4.62
CA LEU B 59 31.52 -0.59 5.27
C LEU B 59 32.92 -0.07 5.00
N ILE B 60 33.01 1.16 4.55
CA ILE B 60 34.30 1.77 4.24
C ILE B 60 34.63 2.73 5.36
N LEU B 61 35.67 2.43 6.13
CA LEU B 61 35.95 3.20 7.33
C LEU B 61 37.12 4.14 7.07
N GLY B 62 37.05 5.34 7.62
CA GLY B 62 38.16 6.29 7.58
C GLY B 62 37.82 7.64 8.18
N LYS B 63 38.77 8.56 8.10
CA LYS B 63 38.55 9.93 8.55
C LYS B 63 38.42 10.87 7.33
N ILE B 64 37.43 11.77 7.40
CA ILE B 64 37.24 12.85 6.41
C ILE B 64 37.34 14.13 7.22
N LYS B 65 38.30 14.99 6.87
CA LYS B 65 38.58 16.25 7.61
C LYS B 65 38.68 16.04 9.11
N ASN B 66 39.42 15.00 9.44
CA ASN B 66 39.65 14.58 10.78
C ASN B 66 38.45 14.10 11.55
N VAL B 67 37.37 13.72 10.86
CA VAL B 67 36.16 13.21 11.56
C VAL B 67 36.00 11.78 11.11
N ASP B 68 35.76 10.90 12.07
CA ASP B 68 35.53 9.49 11.76
C ASP B 68 34.25 9.32 10.96
N CYS B 69 34.37 8.63 9.83
CA CYS B 69 33.21 8.34 9.01
C CYS B 69 33.14 6.87 8.66
N VAL B 70 31.94 6.45 8.25
CA VAL B 70 31.67 5.10 7.78
C VAL B 70 30.78 5.24 6.55
N LEU B 71 31.29 4.85 5.40
CA LEU B 71 30.53 4.97 4.15
C LEU B 71 29.85 3.68 3.84
N LEU B 72 28.60 3.75 3.39
CA LEU B 72 27.90 2.56 2.92
C LEU B 72 27.10 2.81 1.64
N ALA B 73 27.36 2.00 0.62
CA ALA B 73 26.68 2.10 -0.68
C ALA B 73 25.37 1.35 -0.61
N ARG B 74 24.29 2.07 -0.82
CA ARG B 74 22.93 1.56 -0.64
C ARG B 74 22.54 0.44 -1.59
N HIS B 75 22.97 0.59 -2.84
CA HIS B 75 22.57 -0.36 -3.91
C HIS B 75 23.72 -1.34 -4.21
N GLY B 76 24.80 -1.25 -3.43
CA GLY B 76 25.98 -2.11 -3.60
C GLY B 76 26.72 -1.76 -4.89
N ARG B 77 27.78 -2.50 -5.24
CA ARG B 77 28.26 -2.51 -6.64
C ARG B 77 29.26 -3.63 -6.98
N THR B 80 23.17 -2.98 -8.06
CA THR B 80 22.55 -4.26 -8.42
C THR B 80 21.13 -4.53 -7.82
N ILE B 81 20.62 -3.74 -6.87
CA ILE B 81 19.44 -4.15 -6.06
C ILE B 81 18.22 -3.14 -5.98
N MET B 82 17.00 -3.64 -6.18
CA MET B 82 15.85 -2.74 -6.26
C MET B 82 15.54 -2.12 -4.88
N PRO B 83 15.01 -0.89 -4.86
CA PRO B 83 14.79 -0.26 -3.57
C PRO B 83 13.96 -1.06 -2.55
N SER B 84 13.02 -1.83 -3.03
CA SER B 84 12.16 -2.69 -2.22
C SER B 84 12.94 -3.72 -1.49
N LYS B 85 14.03 -4.18 -2.07
CA LYS B 85 14.77 -5.32 -1.54
C LYS B 85 16.06 -4.95 -0.79
N VAL B 86 16.39 -3.67 -0.72
CA VAL B 86 17.54 -3.25 0.08
C VAL B 86 17.32 -3.67 1.54
N ASN B 87 18.38 -4.16 2.19
CA ASN B 87 18.30 -4.60 3.54
C ASN B 87 18.57 -3.40 4.47
N TYR B 88 17.54 -2.58 4.60
CA TYR B 88 17.58 -1.37 5.42
C TYR B 88 17.87 -1.71 6.90
N GLN B 89 17.28 -2.79 7.38
CA GLN B 89 17.59 -3.25 8.73
C GLN B 89 19.09 -3.53 8.95
N ALA B 90 19.66 -4.36 8.09
CA ALA B 90 21.10 -4.66 8.19
C ALA B 90 22.00 -3.42 8.03
N ASN B 91 21.64 -2.55 7.11
CA ASN B 91 22.41 -1.33 6.90
C ASN B 91 22.46 -0.44 8.16
N ILE B 92 21.29 -0.13 8.70
CA ILE B 92 21.23 0.68 9.92
C ILE B 92 21.84 -0.06 11.11
N TRP B 93 21.52 -1.33 11.32
CA TRP B 93 22.10 -2.06 12.43
C TRP B 93 23.64 -2.04 12.38
N ALA B 94 24.20 -2.20 11.19
CA ALA B 94 25.68 -2.20 11.04
C ALA B 94 26.31 -0.84 11.42
N LEU B 95 25.67 0.24 10.98
CA LEU B 95 26.13 1.59 11.27
C LEU B 95 26.03 1.83 12.76
N LYS B 96 24.91 1.42 13.35
CA LYS B 96 24.80 1.49 14.83
C LYS B 96 25.94 0.75 15.51
N GLU B 97 26.13 -0.51 15.14
CA GLU B 97 27.18 -1.30 15.78
C GLU B 97 28.62 -0.82 15.57
N GLU B 98 28.86 -0.07 14.50
CA GLU B 98 30.16 0.57 14.26
C GLU B 98 30.39 1.79 15.20
N GLY B 99 29.33 2.27 15.84
CA GLY B 99 29.39 3.42 16.74
C GLY B 99 28.95 4.74 16.12
N CYS B 100 28.21 4.71 15.04
CA CYS B 100 27.80 5.95 14.40
C CYS B 100 26.83 6.69 15.31
N THR B 101 27.14 7.94 15.58
CA THR B 101 26.21 8.85 16.27
C THR B 101 25.23 9.53 15.36
N HIS B 102 25.69 9.72 14.10
CA HIS B 102 24.99 10.43 13.09
C HIS B 102 24.95 9.61 11.80
N VAL B 103 23.91 9.80 11.04
CA VAL B 103 23.84 9.28 9.69
C VAL B 103 23.38 10.42 8.80
N ILE B 104 24.12 10.66 7.72
CA ILE B 104 23.74 11.63 6.72
C ILE B 104 23.68 10.87 5.40
N VAL B 105 22.56 10.98 4.72
CA VAL B 105 22.38 10.26 3.50
C VAL B 105 22.13 11.24 2.37
N THR B 106 22.42 10.82 1.14
CA THR B 106 21.99 11.57 0.01
C THR B 106 21.02 10.70 -0.77
N THR B 107 20.07 11.36 -1.40
CA THR B 107 19.16 10.68 -2.31
C THR B 107 18.86 11.56 -3.51
N ALA B 108 18.71 10.98 -4.69
CA ALA B 108 18.00 11.62 -5.80
C ALA B 108 16.48 11.59 -5.52
N CYS B 109 15.76 12.50 -6.16
CA CYS B 109 14.32 12.55 -6.06
C CYS B 109 13.68 13.32 -7.20
N GLY B 110 12.40 13.09 -7.36
CA GLY B 110 11.60 13.89 -8.28
C GLY B 110 11.04 15.10 -7.54
N SER B 111 10.98 16.22 -8.22
CA SER B 111 10.25 17.40 -7.69
C SER B 111 8.75 17.39 -8.03
N LEU B 112 7.94 17.63 -7.00
CA LEU B 112 6.50 17.80 -7.11
C LEU B 112 6.07 19.27 -7.02
N ARG B 113 7.02 20.20 -7.06
CA ARG B 113 6.71 21.63 -6.95
C ARG B 113 7.50 22.45 -7.93
N GLU B 114 6.87 23.45 -8.55
CA GLU B 114 7.53 24.24 -9.56
C GLU B 114 8.87 24.88 -9.04
N GLU B 115 8.79 25.42 -7.85
CA GLU B 115 9.92 26.15 -7.26
C GLU B 115 11.09 25.23 -6.82
N ILE B 116 10.89 23.93 -6.74
CA ILE B 116 11.97 23.00 -6.52
C ILE B 116 12.47 22.57 -7.91
N GLN B 117 13.55 23.19 -8.35
CA GLN B 117 14.05 22.91 -9.71
C GLN B 117 14.99 21.74 -9.70
N PRO B 118 15.16 21.06 -10.86
CA PRO B 118 16.18 20.03 -11.01
C PRO B 118 17.52 20.62 -10.67
N GLY B 119 18.29 19.92 -9.87
CA GLY B 119 19.58 20.45 -9.38
C GLY B 119 19.50 21.07 -7.98
N ASP B 120 18.31 21.43 -7.51
CA ASP B 120 18.15 22.00 -6.14
C ASP B 120 18.33 20.95 -5.06
N ILE B 121 18.82 21.42 -3.92
CA ILE B 121 18.87 20.62 -2.72
C ILE B 121 17.62 20.85 -1.91
N VAL B 122 17.17 19.79 -1.24
CA VAL B 122 16.01 19.87 -0.34
C VAL B 122 16.42 19.17 0.95
N ILE B 123 16.47 19.93 2.03
CA ILE B 123 16.76 19.36 3.36
C ILE B 123 15.43 18.93 3.98
N ILE B 124 15.01 17.74 3.60
CA ILE B 124 13.64 17.25 3.93
C ILE B 124 13.39 17.15 5.43
N ASP B 125 12.17 17.45 5.86
CA ASP B 125 11.86 17.40 7.29
C ASP B 125 10.68 16.47 7.60
N GLN B 126 9.98 15.98 6.59
CA GLN B 126 8.88 15.11 6.79
C GLN B 126 8.83 14.07 5.66
N PHE B 127 8.06 13.01 5.89
CA PHE B 127 7.83 11.96 4.86
C PHE B 127 6.39 11.51 4.85
N ILE B 128 5.97 10.98 3.68
CA ILE B 128 4.68 10.22 3.55
C ILE B 128 5.08 8.83 3.03
N ASP B 129 4.71 7.80 3.74
CA ASP B 129 5.02 6.43 3.40
C ASP B 129 3.98 5.89 2.36
N ARG B 130 4.46 5.60 1.15
CA ARG B 130 3.68 4.83 0.19
C ARG B 130 4.31 3.46 -0.12
N THR B 131 5.24 3.03 0.73
CA THR B 131 5.79 1.65 0.60
C THR B 131 4.84 0.60 1.11
N THR B 132 4.99 -0.65 0.67
CA THR B 132 4.13 -1.72 1.10
C THR B 132 4.80 -3.00 1.56
N MET B 133 5.99 -3.22 1.06
CA MET B 133 6.65 -4.49 1.31
C MET B 133 7.78 -4.47 2.37
N ARG B 134 7.93 -3.39 3.13
CA ARG B 134 9.17 -3.14 3.83
C ARG B 134 9.08 -3.28 5.32
N PRO B 135 9.90 -4.16 5.89
CA PRO B 135 9.99 -4.15 7.37
C PRO B 135 10.45 -2.77 7.81
N GLN B 136 9.86 -2.24 8.88
CA GLN B 136 10.18 -0.89 9.40
C GLN B 136 10.56 -0.86 10.85
N SER B 137 10.78 -1.99 11.45
CA SER B 137 11.24 -2.00 12.82
C SER B 137 12.25 -3.12 13.01
N PHE B 138 13.15 -2.93 13.98
CA PHE B 138 14.01 -4.00 14.39
C PHE B 138 13.27 -4.97 15.30
N TYR B 139 12.17 -4.50 15.89
CA TYR B 139 11.54 -5.18 17.01
C TYR B 139 10.42 -6.01 16.44
N ASP B 140 10.81 -7.12 15.81
CA ASP B 140 9.93 -7.90 14.94
C ASP B 140 9.50 -9.24 15.55
N GLY B 141 9.79 -9.45 16.85
CA GLY B 141 9.44 -10.66 17.55
C GLY B 141 10.42 -11.80 17.41
N SER B 142 11.36 -11.69 16.48
CA SER B 142 12.19 -12.82 16.02
C SER B 142 13.67 -12.66 16.29
N HIS B 143 14.06 -11.66 17.08
CA HIS B 143 15.48 -11.36 17.30
C HIS B 143 15.74 -11.05 18.77
N SER B 144 16.58 -11.87 19.41
CA SER B 144 16.92 -11.63 20.81
C SER B 144 17.67 -10.30 21.03
N CYS B 145 18.33 -9.78 19.98
CA CYS B 145 18.99 -8.47 20.02
C CYS B 145 18.01 -7.27 20.11
N ALA B 146 16.72 -7.49 19.80
CA ALA B 146 15.66 -6.44 19.80
C ALA B 146 14.31 -7.00 20.28
N ARG B 147 14.24 -7.20 21.60
CA ARG B 147 13.09 -7.80 22.27
C ARG B 147 11.95 -6.80 22.51
N GLY B 148 10.71 -7.26 22.32
CA GLY B 148 9.51 -6.51 22.65
C GLY B 148 8.90 -5.85 21.44
N VAL B 149 7.93 -4.95 21.68
CA VAL B 149 7.35 -4.07 20.63
C VAL B 149 7.77 -2.58 20.77
N CYS B 150 8.21 -2.04 19.67
CA CYS B 150 8.68 -0.69 19.61
C CYS B 150 7.72 0.15 18.84
N HIS B 151 7.17 1.16 19.50
CA HIS B 151 6.34 2.14 18.81
C HIS B 151 7.04 3.49 18.79
N ILE B 152 7.86 3.69 17.81
CA ILE B 152 8.74 4.89 17.76
C ILE B 152 7.94 6.12 17.30
N PRO B 153 8.11 7.25 17.97
CA PRO B 153 7.49 8.49 17.50
C PRO B 153 8.10 9.00 16.23
N MET B 154 7.26 9.56 15.35
CA MET B 154 7.70 10.07 14.07
C MET B 154 7.24 11.49 13.75
N ALA B 155 6.80 12.21 14.77
CA ALA B 155 6.41 13.61 14.62
C ALA B 155 7.50 14.46 13.95
N GLU B 156 8.74 14.24 14.37
CA GLU B 156 9.92 14.86 13.78
C GLU B 156 10.88 13.79 13.34
N PRO B 157 10.73 13.23 12.13
CA PRO B 157 11.58 12.10 11.79
C PRO B 157 13.08 12.44 11.63
N PHE B 158 13.36 13.69 11.26
CA PHE B 158 14.76 14.02 10.90
C PHE B 158 15.44 14.85 11.96
N CYS B 159 16.72 14.56 12.18
CA CYS B 159 17.51 15.29 13.20
C CYS B 159 17.55 16.81 12.95
N PRO B 160 16.87 17.60 13.80
CA PRO B 160 16.83 19.04 13.56
C PRO B 160 18.21 19.73 13.53
N LYS B 161 19.13 19.31 14.40
CA LYS B 161 20.41 20.03 14.50
C LYS B 161 21.27 19.81 13.26
N THR B 162 21.34 18.56 12.79
CA THR B 162 22.00 18.25 11.53
C THR B 162 21.36 19.00 10.34
N ARG B 163 20.02 18.96 10.26
CA ARG B 163 19.35 19.72 9.22
C ARG B 163 19.72 21.20 9.24
N GLU B 164 19.87 21.77 10.45
CA GLU B 164 20.22 23.21 10.50
C GLU B 164 21.62 23.51 9.97
N VAL B 165 22.56 22.60 10.25
CA VAL B 165 23.92 22.72 9.76
C VAL B 165 23.92 22.58 8.23
N LEU B 166 23.15 21.63 7.73
CA LEU B 166 23.01 21.43 6.26
C LEU B 166 22.49 22.67 5.54
N ILE B 167 21.45 23.27 6.11
CA ILE B 167 20.89 24.52 5.62
C ILE B 167 21.89 25.68 5.62
N GLU B 168 22.48 25.95 6.77
CA GLU B 168 23.44 27.03 6.86
C GLU B 168 24.70 26.79 5.91
N THR B 169 25.10 25.54 5.77
CA THR B 169 26.25 25.18 4.92
C THR B 169 25.95 25.38 3.39
N ALA B 170 24.75 25.00 2.97
CA ALA B 170 24.25 25.29 1.66
C ALA B 170 24.23 26.77 1.35
N LYS B 171 23.83 27.58 2.33
CA LYS B 171 23.88 29.02 2.11
C LYS B 171 25.30 29.55 1.95
N LYS B 172 26.20 29.05 2.79
CA LYS B 172 27.60 29.45 2.66
C LYS B 172 28.25 29.15 1.31
N LEU B 173 27.87 28.04 0.74
CA LEU B 173 28.26 27.62 -0.62
C LEU B 173 27.54 28.31 -1.81
N GLY B 174 26.46 29.05 -1.44
CA GLY B 174 25.63 29.77 -2.40
C GLY B 174 24.76 28.85 -3.26
N LEU B 175 24.43 27.65 -2.76
CA LEU B 175 23.58 26.68 -3.47
C LEU B 175 22.08 26.90 -3.32
N ARG B 176 21.33 26.71 -4.40
CA ARG B 176 19.88 26.68 -4.31
C ARG B 176 19.45 25.54 -3.39
N CYS B 177 18.75 25.88 -2.31
CA CYS B 177 18.45 24.92 -1.30
C CYS B 177 17.09 25.27 -0.67
N HIS B 178 16.34 24.23 -0.31
CA HIS B 178 15.03 24.40 0.33
C HIS B 178 15.12 23.87 1.74
N SER B 179 14.71 24.72 2.70
CA SER B 179 14.87 24.39 4.15
C SER B 179 13.98 23.36 4.73
N LYS B 180 12.92 23.01 4.00
CA LYS B 180 12.01 21.98 4.48
C LYS B 180 11.38 21.29 3.26
N GLY B 181 10.72 20.18 3.47
CA GLY B 181 10.16 19.44 2.34
C GLY B 181 9.65 18.10 2.80
N THR B 182 8.51 17.69 2.25
CA THR B 182 7.95 16.41 2.51
C THR B 182 8.24 15.43 1.39
N MET B 183 8.89 14.34 1.75
CA MET B 183 9.23 13.28 0.79
C MET B 183 8.24 12.16 0.83
N VAL B 184 7.56 11.89 -0.28
CA VAL B 184 6.75 10.69 -0.41
C VAL B 184 7.68 9.59 -0.94
N THR B 185 7.71 8.47 -0.24
CA THR B 185 8.51 7.32 -0.67
C THR B 185 7.60 6.28 -1.22
N ILE B 186 7.79 6.01 -2.50
CA ILE B 186 6.95 5.02 -3.18
C ILE B 186 7.64 3.66 -3.15
N GLU B 187 6.89 2.57 -3.35
CA GLU B 187 7.48 1.19 -3.32
C GLU B 187 8.48 0.94 -4.47
N GLY B 188 8.12 1.40 -5.64
CA GLY B 188 8.86 1.15 -6.86
C GLY B 188 8.81 -0.31 -7.23
N PRO B 189 9.64 -0.77 -8.16
CA PRO B 189 10.69 0.05 -8.80
C PRO B 189 10.14 0.95 -9.94
N ARG B 190 8.88 0.77 -10.34
CA ARG B 190 8.26 1.64 -11.38
C ARG B 190 8.19 3.09 -10.88
N PHE B 191 8.18 4.00 -11.82
CA PHE B 191 7.88 5.35 -11.48
C PHE B 191 6.30 5.48 -11.34
N SER B 192 5.88 6.64 -10.85
CA SER B 192 4.46 6.93 -10.55
C SER B 192 3.71 7.22 -11.86
N SER B 193 2.43 6.84 -11.89
CA SER B 193 1.54 7.35 -12.91
C SER B 193 1.32 8.86 -12.71
N ARG B 194 0.78 9.51 -13.71
CA ARG B 194 0.40 10.89 -13.62
C ARG B 194 -0.75 11.12 -12.61
N ALA B 195 -1.71 10.21 -12.56
CA ALA B 195 -2.78 10.38 -11.50
C ALA B 195 -2.17 10.32 -10.12
N GLU B 196 -1.19 9.44 -9.93
CA GLU B 196 -0.51 9.33 -8.67
C GLU B 196 0.29 10.61 -8.34
N SER B 197 1.03 11.10 -9.34
CA SER B 197 1.82 12.30 -9.16
C SER B 197 0.95 13.48 -8.69
N PHE B 198 -0.19 13.66 -9.33
CA PHE B 198 -1.13 14.69 -8.92
C PHE B 198 -1.71 14.47 -7.55
N MET B 199 -2.08 13.25 -7.21
CA MET B 199 -2.63 13.04 -5.90
C MET B 199 -1.58 13.32 -4.80
N PHE B 200 -0.34 12.97 -5.06
CA PHE B 200 0.73 13.23 -4.05
C PHE B 200 0.87 14.73 -3.75
N ARG B 201 0.74 15.52 -4.81
CA ARG B 201 0.74 16.97 -4.67
C ARG B 201 -0.34 17.42 -3.76
N THR B 202 -1.53 16.92 -4.01
CA THR B 202 -2.65 17.28 -3.14
C THR B 202 -2.53 16.77 -1.71
N TRP B 203 -1.83 15.67 -1.47
CA TRP B 203 -1.55 15.22 -0.10
C TRP B 203 -0.49 16.06 0.67
N GLY B 204 0.15 16.99 -0.02
CA GLY B 204 1.23 17.82 0.54
C GLY B 204 2.65 17.32 0.34
N ALA B 205 2.87 16.35 -0.53
CA ALA B 205 4.25 15.95 -0.81
C ALA B 205 4.95 16.95 -1.69
N ASP B 206 6.26 17.14 -1.45
CA ASP B 206 7.07 18.10 -2.24
C ASP B 206 8.06 17.44 -3.19
N VAL B 207 8.57 16.28 -2.77
CA VAL B 207 9.56 15.53 -3.52
C VAL B 207 9.25 14.06 -3.33
N ILE B 208 9.77 13.25 -4.26
CA ILE B 208 9.44 11.83 -4.35
C ILE B 208 10.64 10.91 -4.57
N ASN B 209 10.69 9.80 -3.84
CA ASN B 209 11.78 8.87 -3.99
C ASN B 209 11.38 7.47 -3.62
N MET B 210 12.39 6.59 -3.53
CA MET B 210 12.09 5.18 -3.24
C MET B 210 12.81 4.59 -2.02
N THR B 211 13.60 5.41 -1.28
CA THR B 211 14.42 4.89 -0.21
C THR B 211 14.31 5.54 1.17
N THR B 212 13.69 6.70 1.30
CA THR B 212 13.72 7.39 2.61
C THR B 212 13.05 6.54 3.70
N VAL B 213 11.92 5.97 3.37
CA VAL B 213 11.27 5.00 4.24
C VAL B 213 11.71 3.61 3.80
N PRO B 214 12.22 2.76 4.71
CA PRO B 214 12.17 2.93 6.18
C PRO B 214 13.49 3.31 6.81
N GLU B 215 14.45 3.69 6.01
CA GLU B 215 15.78 4.11 6.51
C GLU B 215 15.65 5.07 7.72
N VAL B 216 14.83 6.13 7.54
CA VAL B 216 14.65 7.15 8.54
C VAL B 216 14.04 6.58 9.81
N VAL B 217 13.12 5.65 9.66
CA VAL B 217 12.42 5.04 10.77
C VAL B 217 13.34 4.20 11.60
N LEU B 218 14.09 3.36 10.91
CA LEU B 218 15.04 2.47 11.61
C LEU B 218 16.15 3.22 12.33
N ALA B 219 16.64 4.29 11.72
CA ALA B 219 17.69 5.11 12.35
C ALA B 219 17.15 5.67 13.65
N LYS B 220 15.86 6.07 13.62
CA LYS B 220 15.22 6.60 14.81
C LYS B 220 15.10 5.55 15.92
N GLU B 221 14.72 4.33 15.55
CA GLU B 221 14.71 3.27 16.57
C GLU B 221 16.07 3.02 17.19
N ALA B 222 17.12 3.23 16.41
CA ALA B 222 18.49 3.01 16.83
C ALA B 222 19.07 4.16 17.59
N GLY B 223 18.33 5.25 17.73
CA GLY B 223 18.81 6.36 18.55
C GLY B 223 19.88 7.17 17.82
N ILE B 224 19.91 7.08 16.49
CA ILE B 224 20.83 7.81 15.64
C ILE B 224 20.22 9.11 15.15
N CYS B 225 21.01 10.17 15.16
CA CYS B 225 20.61 11.44 14.59
C CYS B 225 20.79 11.29 13.03
N TYR B 226 19.67 11.32 12.35
CA TYR B 226 19.60 11.01 10.87
C TYR B 226 19.11 12.23 10.13
N ALA B 227 19.78 12.57 9.03
CA ALA B 227 19.28 13.61 8.14
C ALA B 227 19.55 13.23 6.68
N SER B 228 18.74 13.81 5.79
CA SER B 228 18.81 13.49 4.36
C SER B 228 19.04 14.72 3.49
N ILE B 229 20.02 14.61 2.58
CA ILE B 229 20.26 15.61 1.52
C ILE B 229 19.52 15.07 0.26
N ALA B 230 18.40 15.69 -0.14
CA ALA B 230 17.68 15.29 -1.37
C ALA B 230 18.04 16.21 -2.54
N MET B 231 18.43 15.62 -3.65
CA MET B 231 18.73 16.37 -4.82
C MET B 231 17.65 16.03 -5.90
N ALA B 232 16.95 17.07 -6.35
CA ALA B 232 15.90 16.93 -7.35
C ALA B 232 16.53 16.74 -8.72
N THR B 233 16.08 15.72 -9.44
CA THR B 233 16.73 15.31 -10.66
C THR B 233 15.73 15.37 -11.85
N ASP B 234 14.46 15.71 -11.58
CA ASP B 234 13.41 15.73 -12.58
C ASP B 234 12.15 16.32 -11.94
N TYR B 235 11.10 16.49 -12.75
CA TYR B 235 9.82 16.95 -12.27
C TYR B 235 8.73 15.82 -12.28
N ASP B 236 9.15 14.57 -12.06
CA ASP B 236 8.29 13.40 -12.08
C ASP B 236 7.49 13.47 -13.39
N CYS B 237 6.14 13.36 -13.35
CA CYS B 237 5.37 13.52 -14.63
C CYS B 237 4.17 14.46 -14.59
N TRP B 238 4.09 15.32 -13.54
CA TRP B 238 2.90 16.15 -13.33
C TRP B 238 2.84 17.38 -14.21
N LYS B 239 3.96 17.75 -14.77
CA LYS B 239 4.16 19.09 -15.25
C LYS B 239 3.77 19.23 -16.72
N GLU B 240 3.37 20.45 -17.10
CA GLU B 240 2.92 20.81 -18.49
C GLU B 240 4.12 21.34 -19.23
N HIS B 241 4.16 21.12 -20.56
CA HIS B 241 5.30 21.57 -21.38
C HIS B 241 6.67 21.14 -20.77
N GLU B 242 6.70 19.97 -20.10
CA GLU B 242 7.91 19.40 -19.46
C GLU B 242 7.90 17.87 -19.82
N GLU B 243 9.12 17.30 -19.97
CA GLU B 243 9.30 15.86 -20.35
C GLU B 243 9.23 15.04 -19.06
N ALA B 244 8.55 13.89 -19.13
CA ALA B 244 8.45 13.02 -17.96
C ALA B 244 9.76 12.36 -17.54
N VAL B 245 9.83 11.98 -16.29
CA VAL B 245 10.95 11.26 -15.73
C VAL B 245 11.24 9.93 -16.49
N SER B 246 12.52 9.64 -16.59
CA SER B 246 13.06 8.38 -17.08
C SER B 246 14.42 8.12 -16.31
N VAL B 247 14.89 6.89 -16.35
CA VAL B 247 16.20 6.54 -15.85
C VAL B 247 17.25 7.44 -16.53
N ASP B 248 17.14 7.63 -17.84
CA ASP B 248 18.15 8.45 -18.54
C ASP B 248 18.19 9.92 -18.07
N ARG B 249 17.01 10.50 -17.77
CA ARG B 249 16.96 11.89 -17.37
C ARG B 249 17.56 12.02 -15.96
N VAL B 250 17.23 11.06 -15.09
CA VAL B 250 17.73 11.10 -13.73
C VAL B 250 19.27 11.05 -13.77
N LEU B 251 19.79 10.11 -14.52
CA LEU B 251 21.17 9.80 -14.63
C LEU B 251 21.94 11.02 -15.19
N LYS B 252 21.40 11.67 -16.20
CA LYS B 252 22.02 12.88 -16.74
C LYS B 252 22.05 14.02 -15.75
N THR B 253 20.93 14.26 -15.06
CA THR B 253 20.85 15.36 -14.06
C THR B 253 21.78 15.13 -12.89
N LEU B 254 21.84 13.90 -12.44
CA LEU B 254 22.81 13.55 -11.39
C LEU B 254 24.23 13.82 -11.79
N LYS B 255 24.63 13.35 -12.96
CA LYS B 255 25.95 13.62 -13.47
C LYS B 255 26.26 15.13 -13.49
N GLU B 256 25.33 15.96 -13.96
CA GLU B 256 25.52 17.43 -13.98
C GLU B 256 25.56 18.11 -12.59
N ASN B 257 24.91 17.52 -11.62
CA ASN B 257 24.75 18.13 -10.25
C ASN B 257 25.26 17.37 -9.03
N ALA B 258 25.89 16.21 -9.22
CA ALA B 258 26.41 15.45 -8.07
C ALA B 258 27.43 16.27 -7.22
N ASN B 259 28.29 17.04 -7.89
CA ASN B 259 29.28 17.88 -7.24
C ASN B 259 28.76 18.75 -6.10
N LYS B 260 27.53 19.24 -6.26
CA LYS B 260 26.81 19.98 -5.20
C LYS B 260 26.63 19.24 -3.85
N ALA B 261 25.99 18.06 -3.90
CA ALA B 261 25.85 17.24 -2.70
C ALA B 261 27.19 16.84 -2.13
N LYS B 262 28.19 16.65 -2.98
CA LYS B 262 29.46 16.22 -2.51
C LYS B 262 30.11 17.36 -1.70
N SER B 263 30.13 18.58 -2.26
CA SER B 263 30.64 19.78 -1.56
C SER B 263 29.86 20.03 -0.22
N LEU B 264 28.56 19.82 -0.28
CA LEU B 264 27.71 20.05 0.91
C LEU B 264 28.11 19.11 2.08
N LEU B 265 28.21 17.81 1.76
CA LEU B 265 28.71 16.80 2.72
C LEU B 265 30.03 17.14 3.22
N LEU B 266 30.95 17.36 2.30
CA LEU B 266 32.31 17.61 2.70
C LEU B 266 32.44 18.86 3.64
N THR B 267 31.58 19.84 3.47
CA THR B 267 31.64 21.07 4.24
C THR B 267 30.81 20.93 5.56
N THR B 268 29.80 20.08 5.51
CA THR B 268 28.99 19.79 6.69
C THR B 268 29.81 18.97 7.72
N ILE B 269 30.47 17.91 7.26
CA ILE B 269 31.23 16.97 8.12
C ILE B 269 32.07 17.59 9.28
N PRO B 270 32.99 18.52 9.00
CA PRO B 270 33.73 19.21 10.06
C PRO B 270 32.83 20.05 11.00
N GLN B 271 31.74 20.62 10.50
CA GLN B 271 30.84 21.37 11.40
C GLN B 271 30.13 20.42 12.39
N ILE B 272 29.76 19.22 11.95
CA ILE B 272 29.15 18.21 12.82
C ILE B 272 30.17 17.86 13.91
N GLY B 273 31.40 17.67 13.48
CA GLY B 273 32.51 17.36 14.34
C GLY B 273 32.76 18.36 15.48
N SER B 274 32.56 19.65 15.21
CA SER B 274 32.79 20.69 16.22
C SER B 274 31.50 21.12 16.99
N THR B 275 30.36 20.47 16.76
CA THR B 275 29.11 20.87 17.41
C THR B 275 28.97 20.03 18.68
N GLU B 276 28.33 20.59 19.73
CA GLU B 276 27.91 19.82 20.95
C GLU B 276 26.70 18.94 20.65
N TRP B 277 26.73 17.70 21.14
CA TRP B 277 25.64 16.74 20.81
C TRP B 277 25.10 15.98 22.01
N SER B 278 25.72 16.11 23.19
CA SER B 278 25.38 15.18 24.26
C SER B 278 23.89 15.12 24.62
N GLU B 279 23.25 16.30 24.65
CA GLU B 279 21.83 16.43 25.05
C GLU B 279 20.96 15.86 23.94
N THR B 280 21.28 16.24 22.70
CA THR B 280 20.57 15.74 21.53
C THR B 280 20.58 14.20 21.47
N LEU B 281 21.75 13.61 21.66
CA LEU B 281 21.84 12.15 21.59
C LEU B 281 21.20 11.48 22.82
N HIS B 282 21.29 12.14 23.97
CA HIS B 282 20.66 11.62 25.20
C HIS B 282 19.10 11.51 25.02
N ASN B 283 18.51 12.56 24.47
CA ASN B 283 17.08 12.59 24.20
C ASN B 283 16.67 11.58 23.16
N LEU B 284 17.45 11.40 22.10
CA LEU B 284 17.19 10.36 21.08
C LEU B 284 17.23 8.97 21.70
N LYS B 285 18.20 8.78 22.58
CA LYS B 285 18.35 7.51 23.28
C LYS B 285 17.18 7.19 24.22
N ASN B 286 16.76 8.20 24.98
CA ASN B 286 15.59 8.09 25.82
C ASN B 286 14.31 7.84 25.04
N MET B 287 14.13 8.64 23.99
CA MET B 287 12.95 8.44 23.13
C MET B 287 12.85 6.97 22.61
N ALA B 288 13.98 6.43 22.14
CA ALA B 288 14.03 5.05 21.58
C ALA B 288 13.76 4.03 22.69
N GLN B 289 14.42 4.21 23.83
CA GLN B 289 14.22 3.33 25.02
C GLN B 289 12.77 3.28 25.52
N PHE B 290 12.14 4.45 25.65
CA PHE B 290 10.76 4.53 26.20
C PHE B 290 9.64 4.20 25.17
N SER B 291 10.06 3.94 23.93
CA SER B 291 9.17 3.43 22.89
CA SER B 291 9.13 3.46 22.87
C SER B 291 8.92 1.95 22.89
N VAL B 292 9.69 1.23 23.68
CA VAL B 292 9.65 -0.24 23.66
C VAL B 292 8.77 -0.80 24.76
N LEU B 293 7.82 -1.64 24.40
CA LEU B 293 7.04 -2.39 25.39
C LEU B 293 7.63 -3.81 25.59
N LEU B 294 7.94 -4.19 26.83
CA LEU B 294 8.52 -5.54 27.12
C LEU B 294 7.63 -6.58 27.83
N ALA C 23 -30.06 -17.08 20.19
CA ALA C 23 -29.20 -17.15 21.42
C ALA C 23 -27.95 -16.25 21.25
N VAL C 24 -27.98 -15.10 21.92
CA VAL C 24 -26.94 -14.10 21.86
C VAL C 24 -25.68 -14.65 22.54
N LYS C 25 -24.52 -14.45 21.92
CA LYS C 25 -23.23 -14.72 22.58
C LYS C 25 -22.18 -13.73 22.13
N ILE C 26 -21.59 -13.02 23.09
CA ILE C 26 -20.83 -11.85 22.81
C ILE C 26 -19.36 -12.10 23.03
N GLY C 27 -18.64 -12.09 21.93
CA GLY C 27 -17.20 -12.06 21.95
C GLY C 27 -16.71 -10.65 22.27
N ILE C 28 -15.75 -10.53 23.20
CA ILE C 28 -15.26 -9.26 23.61
C ILE C 28 -13.74 -9.25 23.50
N ILE C 29 -13.22 -8.40 22.64
CA ILE C 29 -11.78 -8.23 22.45
C ILE C 29 -11.33 -6.90 23.10
N GLY C 30 -10.31 -6.95 23.94
CA GLY C 30 -9.84 -5.75 24.64
C GLY C 30 -10.74 -5.43 25.85
N GLY C 31 -11.38 -6.45 26.41
CA GLY C 31 -12.40 -6.28 27.45
C GLY C 31 -11.79 -6.02 28.82
N THR C 32 -11.12 -4.87 28.87
CA THR C 32 -10.48 -4.32 30.02
C THR C 32 -11.26 -4.58 31.34
N GLY C 33 -10.67 -5.44 32.15
CA GLY C 33 -11.12 -5.71 33.50
C GLY C 33 -12.33 -6.59 33.63
N LEU C 34 -12.76 -7.23 32.56
CA LEU C 34 -13.99 -8.05 32.66
C LEU C 34 -13.75 -9.44 33.24
N ASP C 35 -12.49 -9.88 33.13
CA ASP C 35 -12.07 -11.17 33.67
C ASP C 35 -11.88 -11.03 35.19
N ASP C 36 -12.98 -11.09 35.93
CA ASP C 36 -12.98 -10.84 37.34
C ASP C 36 -14.16 -11.63 37.91
N PRO C 37 -13.95 -12.38 39.02
CA PRO C 37 -15.05 -13.17 39.62
C PRO C 37 -16.32 -12.40 39.99
N GLU C 38 -16.19 -11.09 40.21
CA GLU C 38 -17.34 -10.24 40.57
C GLU C 38 -18.22 -9.91 39.35
N ILE C 39 -17.70 -10.14 38.13
CA ILE C 39 -18.30 -9.82 36.82
C ILE C 39 -18.64 -11.10 36.02
N LEU C 40 -17.62 -11.91 35.78
CA LEU C 40 -17.73 -13.09 34.97
C LEU C 40 -18.14 -14.26 35.84
N GLU C 41 -19.37 -14.73 35.67
CA GLU C 41 -19.93 -15.84 36.42
C GLU C 41 -19.83 -17.13 35.59
N GLY C 42 -19.61 -18.27 36.26
CA GLY C 42 -19.39 -19.55 35.58
C GLY C 42 -18.13 -19.57 34.72
N ARG C 43 -17.09 -18.90 35.19
CA ARG C 43 -15.84 -18.72 34.43
C ARG C 43 -15.27 -20.03 33.96
N THR C 44 -14.72 -20.04 32.76
CA THR C 44 -13.98 -21.17 32.27
C THR C 44 -12.96 -20.69 31.23
N GLU C 45 -11.80 -21.33 31.18
CA GLU C 45 -10.68 -20.87 30.32
C GLU C 45 -10.27 -21.97 29.38
N LYS C 46 -10.12 -21.63 28.10
CA LYS C 46 -10.03 -22.62 27.04
C LYS C 46 -9.05 -22.16 25.96
N TYR C 47 -7.96 -22.90 25.78
CA TYR C 47 -7.01 -22.66 24.68
C TYR C 47 -7.53 -23.42 23.48
N VAL C 48 -7.55 -22.77 22.32
CA VAL C 48 -8.05 -23.39 21.08
C VAL C 48 -7.08 -23.31 19.92
N ASP C 49 -7.27 -24.24 19.00
CA ASP C 49 -6.54 -24.27 17.74
C ASP C 49 -7.56 -23.93 16.69
N THR C 50 -7.10 -23.27 15.64
CA THR C 50 -7.94 -22.99 14.46
C THR C 50 -7.18 -23.36 13.21
N PRO C 51 -7.87 -23.46 12.07
CA PRO C 51 -7.15 -23.70 10.80
C PRO C 51 -6.15 -22.59 10.42
N PHE C 52 -6.26 -21.43 11.10
CA PHE C 52 -5.38 -20.30 10.83
C PHE C 52 -4.35 -20.13 11.93
N GLY C 53 -4.28 -21.08 12.85
CA GLY C 53 -3.30 -21.06 13.95
C GLY C 53 -3.95 -20.76 15.29
N LYS C 54 -3.10 -20.43 16.27
CA LYS C 54 -3.52 -20.18 17.63
C LYS C 54 -4.00 -18.74 17.77
N PRO C 55 -5.14 -18.55 18.44
CA PRO C 55 -5.49 -17.18 18.82
C PRO C 55 -4.44 -16.52 19.73
N SER C 56 -4.56 -15.21 19.89
CA SER C 56 -3.63 -14.46 20.71
C SER C 56 -3.46 -15.00 22.14
N ASP C 57 -4.49 -15.67 22.66
CA ASP C 57 -4.54 -16.11 24.05
C ASP C 57 -5.73 -17.04 24.20
N ALA C 58 -5.83 -17.69 25.33
CA ALA C 58 -6.99 -18.48 25.66
C ALA C 58 -8.24 -17.63 25.62
N LEU C 59 -9.33 -18.31 25.33
CA LEU C 59 -10.65 -17.75 25.39
C LEU C 59 -11.16 -17.94 26.80
N ILE C 60 -11.70 -16.88 27.38
CA ILE C 60 -12.24 -16.94 28.68
C ILE C 60 -13.74 -16.96 28.52
N LEU C 61 -14.37 -18.07 28.90
CA LEU C 61 -15.80 -18.22 28.76
C LEU C 61 -16.55 -17.99 30.06
N GLY C 62 -17.71 -17.35 29.96
CA GLY C 62 -18.59 -17.17 31.13
C GLY C 62 -19.79 -16.30 30.83
N LYS C 63 -20.59 -16.05 31.86
CA LYS C 63 -21.75 -15.18 31.73
C LYS C 63 -21.45 -13.85 32.43
N ILE C 64 -21.82 -12.74 31.79
CA ILE C 64 -21.78 -11.39 32.36
C ILE C 64 -23.21 -10.87 32.34
N LYS C 65 -23.74 -10.51 33.50
CA LYS C 65 -25.17 -10.11 33.68
C LYS C 65 -26.14 -11.06 32.96
N ASN C 66 -25.89 -12.35 33.17
CA ASN C 66 -26.65 -13.41 32.56
C ASN C 66 -26.55 -13.56 31.05
N VAL C 67 -25.53 -12.97 30.42
CA VAL C 67 -25.36 -13.06 28.96
C VAL C 67 -24.06 -13.79 28.72
N ASP C 68 -24.09 -14.75 27.80
CA ASP C 68 -22.91 -15.54 27.49
C ASP C 68 -21.91 -14.66 26.79
N CYS C 69 -20.68 -14.70 27.28
CA CYS C 69 -19.61 -13.96 26.68
C CYS C 69 -18.38 -14.82 26.50
N VAL C 70 -17.50 -14.33 25.63
CA VAL C 70 -16.20 -14.93 25.40
C VAL C 70 -15.23 -13.78 25.34
N LEU C 71 -14.26 -13.77 26.24
CA LEU C 71 -13.23 -12.72 26.29
C LEU C 71 -11.98 -13.18 25.62
N LEU C 72 -11.38 -12.30 24.82
CA LEU C 72 -10.09 -12.56 24.21
C LEU C 72 -9.16 -11.34 24.27
N ALA C 73 -7.98 -11.55 24.84
CA ALA C 73 -6.91 -10.52 24.86
C ALA C 73 -6.12 -10.47 23.55
N ARG C 74 -6.17 -9.31 22.89
CA ARG C 74 -5.61 -9.12 21.53
C ARG C 74 -4.09 -9.25 21.44
N HIS C 75 -3.39 -8.73 22.45
CA HIS C 75 -1.91 -8.74 22.42
C HIS C 75 -1.35 -9.86 23.34
N GLY C 76 -2.24 -10.69 23.90
CA GLY C 76 -1.86 -11.81 24.78
C GLY C 76 -1.38 -11.33 26.14
N THR C 80 3.08 -7.28 23.98
CA THR C 80 3.86 -8.49 23.63
C THR C 80 4.04 -8.81 22.15
N ILE C 81 2.94 -8.70 21.41
CA ILE C 81 2.95 -8.92 19.96
C ILE C 81 2.57 -7.64 19.14
N MET C 82 3.37 -7.32 18.10
CA MET C 82 3.14 -6.10 17.32
C MET C 82 1.81 -6.19 16.50
N PRO C 83 1.15 -5.06 16.29
CA PRO C 83 -0.18 -5.16 15.67
C PRO C 83 -0.18 -5.81 14.33
N SER C 84 0.92 -5.65 13.58
CA SER C 84 1.10 -6.28 12.25
C SER C 84 1.05 -7.79 12.32
N LYS C 85 1.51 -8.36 13.42
CA LYS C 85 1.67 -9.81 13.56
C LYS C 85 0.63 -10.50 14.47
N VAL C 86 -0.34 -9.76 14.99
CA VAL C 86 -1.52 -10.37 15.62
C VAL C 86 -2.27 -11.30 14.64
N ASN C 87 -2.68 -12.45 15.13
CA ASN C 87 -3.36 -13.44 14.29
C ASN C 87 -4.88 -13.17 14.33
N TYR C 88 -5.25 -12.15 13.57
CA TYR C 88 -6.61 -11.71 13.46
C TYR C 88 -7.51 -12.85 12.93
N GLN C 89 -7.01 -13.60 11.95
CA GLN C 89 -7.76 -14.74 11.44
C GLN C 89 -8.12 -15.77 12.52
N ALA C 90 -7.11 -16.23 13.25
CA ALA C 90 -7.33 -17.16 14.32
C ALA C 90 -8.27 -16.58 15.39
N ASN C 91 -8.08 -15.32 15.76
CA ASN C 91 -8.96 -14.70 16.77
C ASN C 91 -10.46 -14.72 16.35
N ILE C 92 -10.76 -14.24 15.15
CA ILE C 92 -12.13 -14.19 14.69
C ILE C 92 -12.67 -15.60 14.44
N TRP C 93 -11.88 -16.46 13.81
CA TRP C 93 -12.35 -17.84 13.62
C TRP C 93 -12.73 -18.50 14.93
N ALA C 94 -11.93 -18.28 15.96
CA ALA C 94 -12.19 -18.92 17.25
C ALA C 94 -13.49 -18.42 17.88
N LEU C 95 -13.70 -17.12 17.79
CA LEU C 95 -14.93 -16.53 18.31
C LEU C 95 -16.16 -17.06 17.51
N LYS C 96 -16.02 -17.14 16.20
CA LYS C 96 -17.07 -17.78 15.38
C LYS C 96 -17.37 -19.19 15.80
N GLU C 97 -16.31 -20.00 15.92
CA GLU C 97 -16.42 -21.41 16.31
C GLU C 97 -17.03 -21.62 17.71
N GLU C 98 -16.87 -20.65 18.59
CA GLU C 98 -17.46 -20.71 19.94
C GLU C 98 -18.94 -20.35 19.91
N GLY C 99 -19.43 -19.82 18.79
CA GLY C 99 -20.85 -19.46 18.61
C GLY C 99 -21.16 -17.98 18.82
N CYS C 100 -20.18 -17.11 18.74
CA CYS C 100 -20.46 -15.72 19.00
C CYS C 100 -21.34 -15.16 17.90
N THR C 101 -22.42 -14.51 18.27
CA THR C 101 -23.30 -13.77 17.38
C THR C 101 -22.84 -12.34 17.16
N HIS C 102 -22.21 -11.79 18.20
CA HIS C 102 -21.74 -10.45 18.29
C HIS C 102 -20.27 -10.40 18.73
N VAL C 103 -19.56 -9.39 18.27
CA VAL C 103 -18.23 -9.06 18.81
C VAL C 103 -18.26 -7.58 19.14
N ILE C 104 -17.86 -7.23 20.36
CA ILE C 104 -17.64 -5.85 20.75
C ILE C 104 -16.21 -5.73 21.18
N VAL C 105 -15.50 -4.77 20.59
CA VAL C 105 -14.08 -4.61 20.90
C VAL C 105 -13.84 -3.25 21.48
N THR C 106 -12.78 -3.12 22.27
CA THR C 106 -12.32 -1.82 22.64
C THR C 106 -10.91 -1.62 22.05
N THR C 107 -10.64 -0.41 21.65
CA THR C 107 -9.35 -0.02 21.11
C THR C 107 -8.97 1.36 21.64
N ALA C 108 -7.72 1.56 22.01
CA ALA C 108 -7.17 2.91 22.08
C ALA C 108 -7.02 3.51 20.69
N CYS C 109 -6.91 4.84 20.63
CA CYS C 109 -6.68 5.51 19.34
C CYS C 109 -6.17 6.93 19.55
N GLY C 110 -5.59 7.47 18.51
CA GLY C 110 -5.24 8.89 18.43
C GLY C 110 -6.40 9.70 17.87
N SER C 111 -6.60 10.90 18.38
CA SER C 111 -7.59 11.82 17.83
C SER C 111 -6.98 12.66 16.71
N LEU C 112 -7.67 12.71 15.57
CA LEU C 112 -7.39 13.60 14.47
C LEU C 112 -8.33 14.81 14.40
N ARG C 113 -9.14 15.04 15.42
CA ARG C 113 -10.08 16.17 15.44
C ARG C 113 -10.10 16.88 16.79
N GLU C 114 -10.15 18.20 16.77
CA GLU C 114 -10.12 18.97 18.03
C GLU C 114 -11.22 18.53 19.01
N GLU C 115 -12.40 18.34 18.47
CA GLU C 115 -13.58 18.08 19.30
C GLU C 115 -13.58 16.64 19.88
N ILE C 116 -12.72 15.76 19.37
CA ILE C 116 -12.55 14.43 19.96
C ILE C 116 -11.40 14.57 20.95
N GLN C 117 -11.73 14.75 22.25
CA GLN C 117 -10.68 14.97 23.25
C GLN C 117 -10.15 13.61 23.77
N PRO C 118 -8.92 13.57 24.28
CA PRO C 118 -8.40 12.43 25.02
C PRO C 118 -9.36 12.07 26.15
N GLY C 119 -9.69 10.80 26.28
CA GLY C 119 -10.69 10.37 27.19
C GLY C 119 -12.10 10.18 26.59
N ASP C 120 -12.38 10.77 25.45
CA ASP C 120 -13.67 10.60 24.78
C ASP C 120 -13.81 9.21 24.21
N ILE C 121 -15.04 8.76 24.16
CA ILE C 121 -15.43 7.58 23.39
C ILE C 121 -15.85 7.94 21.99
N VAL C 122 -15.49 7.10 21.03
CA VAL C 122 -15.94 7.25 19.61
C VAL C 122 -16.52 5.94 19.16
N ILE C 123 -17.81 5.94 18.82
CA ILE C 123 -18.49 4.74 18.33
C ILE C 123 -18.34 4.78 16.80
N ILE C 124 -17.20 4.28 16.35
CA ILE C 124 -16.78 4.42 14.96
C ILE C 124 -17.78 3.73 14.00
N ASP C 125 -17.94 4.31 12.81
CA ASP C 125 -18.86 3.72 11.82
C ASP C 125 -18.17 3.47 10.49
N GLN C 126 -16.92 3.93 10.33
CA GLN C 126 -16.21 3.67 9.05
C GLN C 126 -14.74 3.47 9.31
N PHE C 127 -14.04 2.91 8.33
CA PHE C 127 -12.57 2.83 8.40
C PHE C 127 -11.90 3.23 7.07
N ILE C 128 -10.63 3.62 7.15
CA ILE C 128 -9.70 3.78 5.99
C ILE C 128 -8.52 2.85 6.26
N ASP C 129 -8.25 1.95 5.32
CA ASP C 129 -7.17 0.96 5.45
C ASP C 129 -5.85 1.56 5.00
N ARG C 130 -4.89 1.67 5.96
CA ARG C 130 -3.53 1.99 5.57
C ARG C 130 -2.59 0.86 5.95
N THR C 131 -3.13 -0.34 6.21
CA THR C 131 -2.28 -1.51 6.45
C THR C 131 -1.73 -2.05 5.15
N THR C 132 -0.62 -2.78 5.21
CA THR C 132 -0.02 -3.36 4.00
C THR C 132 0.31 -4.85 4.07
N MET C 133 0.57 -5.32 5.27
CA MET C 133 1.08 -6.67 5.42
C MET C 133 0.08 -7.75 5.83
N ARG C 134 -1.22 -7.42 5.83
CA ARG C 134 -2.16 -8.21 6.59
C ARG C 134 -3.12 -9.02 5.75
N PRO C 135 -3.18 -10.34 5.99
CA PRO C 135 -4.27 -11.11 5.40
C PRO C 135 -5.60 -10.54 5.87
N GLN C 136 -6.55 -10.38 4.95
CA GLN C 136 -7.85 -9.81 5.26
C GLN C 136 -9.03 -10.72 4.91
N SER C 137 -8.78 -11.97 4.58
CA SER C 137 -9.86 -12.88 4.30
C SER C 137 -9.50 -14.24 4.85
N PHE C 138 -10.52 -15.00 5.23
CA PHE C 138 -10.37 -16.42 5.45
C PHE C 138 -10.20 -17.23 4.17
N TYR C 139 -10.65 -16.66 3.05
CA TYR C 139 -10.82 -17.40 1.79
C TYR C 139 -9.58 -17.16 0.97
N ASP C 140 -8.50 -17.78 1.41
CA ASP C 140 -7.15 -17.51 0.90
C ASP C 140 -6.59 -18.57 -0.06
N GLY C 141 -7.45 -19.47 -0.52
CA GLY C 141 -7.03 -20.57 -1.42
C GLY C 141 -6.39 -21.80 -0.77
N SER C 142 -6.06 -21.69 0.53
CA SER C 142 -5.21 -22.66 1.24
C SER C 142 -5.89 -23.39 2.40
N HIS C 143 -7.21 -23.27 2.51
CA HIS C 143 -7.93 -23.86 3.65
C HIS C 143 -9.22 -24.48 3.17
N SER C 144 -9.37 -25.79 3.37
CA SER C 144 -10.60 -26.49 2.99
C SER C 144 -11.82 -26.00 3.80
N CYS C 145 -11.57 -25.44 5.00
CA CYS C 145 -12.64 -24.82 5.81
C CYS C 145 -13.25 -23.53 5.19
N ALA C 146 -12.56 -22.92 4.21
CA ALA C 146 -13.00 -21.66 3.57
C ALA C 146 -12.61 -21.65 2.07
N ARG C 147 -13.38 -22.41 1.30
CA ARG C 147 -13.13 -22.63 -0.15
C ARG C 147 -13.73 -21.51 -1.01
N GLY C 148 -12.99 -21.13 -2.04
CA GLY C 148 -13.45 -20.15 -3.01
C GLY C 148 -12.89 -18.76 -2.73
N VAL C 149 -13.41 -17.76 -3.44
CA VAL C 149 -13.06 -16.32 -3.24
C VAL C 149 -14.24 -15.52 -2.66
N CYS C 150 -13.92 -14.78 -1.62
CA CYS C 150 -14.92 -14.02 -0.90
C CYS C 150 -14.70 -12.57 -1.15
N HIS C 151 -15.72 -11.91 -1.71
CA HIS C 151 -15.69 -10.46 -1.85
C HIS C 151 -16.71 -9.83 -0.94
N ILE C 152 -16.33 -9.58 0.29
CA ILE C 152 -17.30 -9.13 1.28
C ILE C 152 -17.59 -7.65 1.09
N PRO C 153 -18.89 -7.25 1.21
CA PRO C 153 -19.20 -5.83 1.17
C PRO C 153 -18.79 -5.11 2.44
N MET C 154 -18.33 -3.85 2.30
CA MET C 154 -17.85 -3.04 3.38
C MET C 154 -18.49 -1.67 3.48
N ALA C 155 -19.64 -1.48 2.84
CA ALA C 155 -20.35 -0.20 2.87
C ALA C 155 -20.68 0.24 4.30
N GLU C 156 -21.06 -0.73 5.12
CA GLU C 156 -21.37 -0.53 6.51
C GLU C 156 -20.61 -1.51 7.37
N PRO C 157 -19.36 -1.22 7.69
CA PRO C 157 -18.55 -2.31 8.26
C PRO C 157 -18.96 -2.65 9.69
N PHE C 158 -19.63 -1.71 10.37
CA PHE C 158 -19.92 -1.88 11.77
C PHE C 158 -21.43 -2.07 12.02
N CYS C 159 -21.73 -3.02 12.86
CA CYS C 159 -23.11 -3.38 13.15
C CYS C 159 -23.97 -2.21 13.64
N PRO C 160 -24.91 -1.74 12.83
CA PRO C 160 -25.69 -0.54 13.21
C PRO C 160 -26.47 -0.66 14.53
N LYS C 161 -27.07 -1.83 14.75
CA LYS C 161 -27.92 -2.00 15.93
C LYS C 161 -27.09 -1.96 17.22
N THR C 162 -25.94 -2.64 17.21
CA THR C 162 -25.00 -2.55 18.31
C THR C 162 -24.54 -1.13 18.56
N ARG C 163 -24.12 -0.47 17.51
CA ARG C 163 -23.69 0.90 17.64
C ARG C 163 -24.74 1.76 18.29
N GLU C 164 -26.00 1.55 17.92
CA GLU C 164 -27.05 2.41 18.49
C GLU C 164 -27.21 2.20 19.97
N VAL C 165 -27.04 0.94 20.40
CA VAL C 165 -27.16 0.61 21.80
C VAL C 165 -25.97 1.24 22.57
N LEU C 166 -24.79 1.17 21.99
CA LEU C 166 -23.62 1.79 22.55
C LEU C 166 -23.77 3.29 22.77
N ILE C 167 -24.27 3.96 21.73
CA ILE C 167 -24.54 5.41 21.78
C ILE C 167 -25.59 5.78 22.88
N GLU C 168 -26.74 5.10 22.87
CA GLU C 168 -27.79 5.38 23.86
C GLU C 168 -27.25 5.07 25.32
N THR C 169 -26.44 4.04 25.48
CA THR C 169 -25.89 3.64 26.75
C THR C 169 -24.85 4.68 27.31
N ALA C 170 -24.01 5.19 26.42
CA ALA C 170 -23.12 6.27 26.74
C ALA C 170 -23.85 7.50 27.22
N LYS C 171 -24.98 7.79 26.61
CA LYS C 171 -25.77 8.93 27.04
C LYS C 171 -26.33 8.72 28.46
N LYS C 172 -26.84 7.51 28.71
CA LYS C 172 -27.41 7.18 30.03
C LYS C 172 -26.39 7.31 31.17
N LEU C 173 -25.14 6.99 30.88
CA LEU C 173 -24.01 7.13 31.80
C LEU C 173 -23.37 8.57 31.97
N GLY C 174 -23.84 9.44 30.99
CA GLY C 174 -23.38 10.83 30.92
C GLY C 174 -21.94 10.97 30.43
N LEU C 175 -21.46 10.01 29.66
CA LEU C 175 -20.12 10.06 29.10
C LEU C 175 -19.98 10.90 27.82
N ARG C 176 -18.85 11.61 27.67
CA ARG C 176 -18.51 12.24 26.44
C ARG C 176 -18.32 11.16 25.33
N CYS C 177 -19.15 11.23 24.29
CA CYS C 177 -19.18 10.19 23.31
C CYS C 177 -19.52 10.80 21.94
N HIS C 178 -18.94 10.22 20.92
CA HIS C 178 -19.16 10.70 19.55
C HIS C 178 -19.89 9.58 18.80
N SER C 179 -21.02 9.92 18.16
CA SER C 179 -21.87 8.93 17.50
C SER C 179 -21.36 8.32 16.21
N LYS C 180 -20.35 8.93 15.66
CA LYS C 180 -19.77 8.38 14.42
C LYS C 180 -18.32 8.76 14.34
N GLY C 181 -17.60 8.17 13.38
CA GLY C 181 -16.21 8.41 13.29
C GLY C 181 -15.54 7.48 12.32
N THR C 182 -14.60 8.00 11.59
CA THR C 182 -13.78 7.18 10.69
C THR C 182 -12.39 6.88 11.27
N MET C 183 -12.11 5.61 11.42
CA MET C 183 -10.83 5.14 11.92
C MET C 183 -9.88 4.82 10.77
N VAL C 184 -8.72 5.47 10.75
CA VAL C 184 -7.63 5.07 9.81
C VAL C 184 -6.77 4.08 10.57
N THR C 185 -6.55 2.92 10.01
CA THR C 185 -5.72 1.91 10.64
C THR C 185 -4.39 1.85 9.90
N ILE C 186 -3.32 2.24 10.58
CA ILE C 186 -1.99 2.24 9.99
C ILE C 186 -1.32 0.89 10.28
N GLU C 187 -0.27 0.56 9.53
CA GLU C 187 0.43 -0.73 9.70
C GLU C 187 1.17 -0.80 11.04
N GLY C 188 1.85 0.28 11.39
CA GLY C 188 2.71 0.33 12.57
C GLY C 188 3.95 -0.56 12.38
N PRO C 189 4.74 -0.82 13.41
CA PRO C 189 4.44 -0.37 14.78
C PRO C 189 4.75 1.12 15.05
N ARG C 190 5.45 1.80 14.12
CA ARG C 190 5.78 3.21 14.30
C ARG C 190 4.50 4.02 14.32
N PHE C 191 4.58 5.16 15.00
CA PHE C 191 3.47 6.13 14.89
C PHE C 191 3.64 6.86 13.52
N SER C 192 2.67 7.71 13.21
CA SER C 192 2.65 8.48 11.95
C SER C 192 3.56 9.68 12.02
N SER C 193 4.21 10.01 10.89
CA SER C 193 4.79 11.32 10.75
C SER C 193 3.72 12.43 10.82
N ARG C 194 4.15 13.64 11.01
CA ARG C 194 3.24 14.78 10.95
C ARG C 194 2.62 15.00 9.54
N ALA C 195 3.38 14.80 8.48
CA ALA C 195 2.80 14.90 7.13
C ALA C 195 1.69 13.88 6.94
N GLU C 196 1.88 12.66 7.47
CA GLU C 196 0.88 11.65 7.41
C GLU C 196 -0.37 12.00 8.19
N SER C 197 -0.15 12.51 9.41
CA SER C 197 -1.25 12.90 10.28
C SER C 197 -2.13 13.95 9.59
N PHE C 198 -1.51 14.99 9.07
CA PHE C 198 -2.24 15.98 8.29
C PHE C 198 -2.97 15.40 7.07
N MET C 199 -2.32 14.54 6.30
CA MET C 199 -2.97 14.02 5.11
C MET C 199 -4.18 13.14 5.49
N PHE C 200 -4.10 12.39 6.60
CA PHE C 200 -5.22 11.56 7.09
C PHE C 200 -6.46 12.42 7.39
N ARG C 201 -6.20 13.59 7.95
CA ARG C 201 -7.25 14.59 8.18
C ARG C 201 -7.94 14.98 6.90
N THR C 202 -7.13 15.30 5.90
CA THR C 202 -7.69 15.70 4.60
C THR C 202 -8.47 14.56 3.97
N TRP C 203 -8.11 13.29 4.20
CA TRP C 203 -8.83 12.14 3.64
C TRP C 203 -10.21 11.86 4.35
N GLY C 204 -10.46 12.59 5.42
CA GLY C 204 -11.67 12.41 6.26
C GLY C 204 -11.54 11.46 7.43
N ALA C 205 -10.32 11.07 7.84
CA ALA C 205 -10.21 10.23 9.05
C ALA C 205 -10.40 11.08 10.28
N ASP C 206 -10.96 10.48 11.33
CA ASP C 206 -11.20 11.17 12.62
C ASP C 206 -10.38 10.68 13.75
N VAL C 207 -10.04 9.39 13.69
CA VAL C 207 -9.25 8.75 14.78
C VAL C 207 -8.32 7.75 14.06
N ILE C 208 -7.30 7.32 14.79
CA ILE C 208 -6.20 6.53 14.21
C ILE C 208 -5.74 5.42 15.09
N ASN C 209 -5.57 4.23 14.55
CA ASN C 209 -5.14 3.08 15.35
C ASN C 209 -4.34 2.11 14.49
N MET C 210 -4.03 0.95 15.09
CA MET C 210 -3.27 -0.10 14.39
C MET C 210 -3.96 -1.46 14.22
N THR C 211 -5.21 -1.61 14.70
CA THR C 211 -5.85 -2.93 14.78
C THR C 211 -7.22 -3.09 14.14
N THR C 212 -7.95 -2.01 13.87
CA THR C 212 -9.33 -2.17 13.41
C THR C 212 -9.38 -3.02 12.12
N VAL C 213 -8.51 -2.70 11.17
CA VAL C 213 -8.34 -3.52 9.98
C VAL C 213 -7.22 -4.54 10.25
N PRO C 214 -7.45 -5.84 10.05
CA PRO C 214 -8.60 -6.45 9.35
C PRO C 214 -9.62 -7.12 10.22
N GLU C 215 -9.55 -6.88 11.54
CA GLU C 215 -10.53 -7.46 12.52
C GLU C 215 -11.96 -7.29 12.04
N VAL C 216 -12.31 -6.07 11.68
CA VAL C 216 -13.68 -5.74 11.23
C VAL C 216 -14.08 -6.48 9.97
N VAL C 217 -13.12 -6.63 9.06
CA VAL C 217 -13.33 -7.27 7.77
C VAL C 217 -13.62 -8.73 7.97
N LEU C 218 -12.76 -9.37 8.75
CA LEU C 218 -12.91 -10.80 9.00
C LEU C 218 -14.21 -11.13 9.77
N ALA C 219 -14.61 -10.29 10.71
CA ALA C 219 -15.84 -10.51 11.47
C ALA C 219 -17.03 -10.47 10.53
N LYS C 220 -16.97 -9.56 9.57
CA LYS C 220 -17.98 -9.50 8.51
C LYS C 220 -18.00 -10.74 7.66
N GLU C 221 -16.84 -11.24 7.24
CA GLU C 221 -16.85 -12.52 6.45
C GLU C 221 -17.48 -13.66 7.24
N ALA C 222 -17.31 -13.62 8.57
CA ALA C 222 -17.85 -14.65 9.46
C ALA C 222 -19.31 -14.49 9.80
N GLY C 223 -19.95 -13.43 9.32
CA GLY C 223 -21.38 -13.22 9.60
C GLY C 223 -21.64 -12.73 11.05
N ILE C 224 -20.64 -12.16 11.69
CA ILE C 224 -20.74 -11.65 13.04
C ILE C 224 -21.07 -10.15 13.05
N CYS C 225 -21.97 -9.74 13.92
CA CYS C 225 -22.31 -8.34 14.12
C CYS C 225 -21.15 -7.77 15.02
N TYR C 226 -20.37 -6.88 14.45
CA TYR C 226 -19.10 -6.37 15.06
C TYR C 226 -19.24 -4.89 15.30
N ALA C 227 -18.90 -4.43 16.48
CA ALA C 227 -18.83 -3.00 16.76
C ALA C 227 -17.62 -2.66 17.65
N SER C 228 -17.21 -1.42 17.58
CA SER C 228 -15.95 -1.01 18.22
C SER C 228 -16.14 0.19 19.09
N ILE C 229 -15.56 0.15 20.32
CA ILE C 229 -15.56 1.26 21.28
C ILE C 229 -14.15 1.85 21.23
N ALA C 230 -13.96 3.01 20.57
CA ALA C 230 -12.67 3.63 20.44
C ALA C 230 -12.50 4.70 21.51
N MET C 231 -11.42 4.61 22.28
CA MET C 231 -11.09 5.57 23.28
C MET C 231 -9.87 6.35 22.86
N ALA C 232 -10.05 7.67 22.72
CA ALA C 232 -8.98 8.55 22.32
C ALA C 232 -8.01 8.70 23.49
N THR C 233 -6.73 8.55 23.22
CA THR C 233 -5.71 8.60 24.23
C THR C 233 -4.71 9.75 24.04
N ASP C 234 -4.79 10.47 22.90
CA ASP C 234 -3.84 11.47 22.49
C ASP C 234 -4.38 12.21 21.27
N TYR C 235 -3.63 13.24 20.81
CA TYR C 235 -3.97 13.95 19.57
C TYR C 235 -2.96 13.65 18.42
N ASP C 236 -2.35 12.47 18.43
CA ASP C 236 -1.35 12.07 17.45
C ASP C 236 -0.29 13.11 17.41
N CYS C 237 0.09 13.67 16.27
CA CYS C 237 1.07 14.76 16.28
C CYS C 237 0.72 15.97 15.45
N TRP C 238 -0.56 16.14 15.10
CA TRP C 238 -0.96 17.20 14.15
C TRP C 238 -1.17 18.56 14.85
N LYS C 239 -1.27 18.57 16.15
CA LYS C 239 -1.83 19.71 16.88
C LYS C 239 -0.80 20.70 17.38
N GLU C 240 -1.24 21.96 17.51
CA GLU C 240 -0.38 23.08 17.91
C GLU C 240 -0.55 23.26 19.40
N HIS C 241 0.47 23.77 20.07
CA HIS C 241 0.40 23.96 21.51
C HIS C 241 -0.06 22.69 22.23
N GLU C 242 0.30 21.53 21.67
CA GLU C 242 -0.02 20.22 22.22
C GLU C 242 1.24 19.32 22.05
N GLU C 243 1.47 18.40 23.02
CA GLU C 243 2.65 17.49 22.97
C GLU C 243 2.28 16.21 22.17
N ALA C 244 3.23 15.72 21.36
CA ALA C 244 2.99 14.57 20.47
C ALA C 244 2.83 13.25 21.24
N VAL C 245 2.20 12.31 20.59
CA VAL C 245 1.99 10.95 21.10
C VAL C 245 3.32 10.22 21.37
N SER C 246 3.28 9.42 22.43
CA SER C 246 4.31 8.51 22.89
C SER C 246 3.67 7.34 23.59
N VAL C 247 4.38 6.24 23.69
CA VAL C 247 3.88 5.08 24.39
C VAL C 247 3.47 5.48 25.82
N ASP C 248 4.30 6.28 26.45
CA ASP C 248 4.01 6.66 27.85
C ASP C 248 2.70 7.50 27.96
N ARG C 249 2.46 8.40 27.01
CA ARG C 249 1.26 9.25 27.03
C ARG C 249 0.01 8.42 26.79
N VAL C 250 0.08 7.48 25.84
CA VAL C 250 -1.04 6.60 25.62
C VAL C 250 -1.38 5.81 26.93
N LEU C 251 -0.37 5.21 27.50
CA LEU C 251 -0.55 4.38 28.67
C LEU C 251 -1.15 5.13 29.87
N LYS C 252 -0.64 6.35 30.10
CA LYS C 252 -1.18 7.19 31.14
C LYS C 252 -2.67 7.50 30.90
N THR C 253 -3.02 7.86 29.67
CA THR C 253 -4.41 8.25 29.35
C THR C 253 -5.38 7.06 29.44
N LEU C 254 -4.94 5.91 28.93
CA LEU C 254 -5.68 4.68 29.16
C LEU C 254 -5.94 4.38 30.63
N LYS C 255 -4.91 4.43 31.45
CA LYS C 255 -5.07 4.18 32.87
C LYS C 255 -6.15 5.11 33.44
N GLU C 256 -6.07 6.43 33.16
CA GLU C 256 -7.03 7.40 33.73
C GLU C 256 -8.48 7.20 33.23
N ASN C 257 -8.64 6.61 32.06
CA ASN C 257 -9.96 6.50 31.40
C ASN C 257 -10.51 5.10 31.09
N ALA C 258 -9.80 4.05 31.46
CA ALA C 258 -10.23 2.69 31.14
C ALA C 258 -11.62 2.37 31.76
N ASN C 259 -11.84 2.84 32.99
CA ASN C 259 -13.13 2.68 33.67
C ASN C 259 -14.42 2.97 32.83
N LYS C 260 -14.31 4.03 31.99
CA LYS C 260 -15.38 4.45 31.07
C LYS C 260 -15.82 3.35 30.08
N ALA C 261 -14.87 2.81 29.31
CA ALA C 261 -15.18 1.72 28.43
C ALA C 261 -15.70 0.50 29.16
N LYS C 262 -15.22 0.27 30.36
CA LYS C 262 -15.58 -0.89 31.11
C LYS C 262 -17.03 -0.73 31.50
N SER C 263 -17.40 0.43 32.07
CA SER C 263 -18.85 0.70 32.49
C SER C 263 -19.77 0.61 31.20
N LEU C 264 -19.25 1.14 30.11
CA LEU C 264 -20.04 1.14 28.84
C LEU C 264 -20.36 -0.29 28.33
N LEU C 265 -19.32 -1.14 28.31
CA LEU C 265 -19.48 -2.58 28.00
C LEU C 265 -20.44 -3.23 28.94
N LEU C 266 -20.17 -3.07 30.22
CA LEU C 266 -20.98 -3.75 31.19
C LEU C 266 -22.47 -3.37 31.04
N THR C 267 -22.74 -2.14 30.63
CA THR C 267 -24.11 -1.65 30.62
C THR C 267 -24.75 -1.95 29.25
N THR C 268 -23.92 -2.09 28.23
CA THR C 268 -24.35 -2.47 26.90
C THR C 268 -24.78 -3.97 26.83
N ILE C 269 -23.93 -4.83 27.43
CA ILE C 269 -24.09 -6.30 27.39
C ILE C 269 -25.58 -6.80 27.63
N PRO C 270 -26.23 -6.37 28.71
CA PRO C 270 -27.62 -6.81 29.00
C PRO C 270 -28.60 -6.22 28.03
N GLN C 271 -28.36 -5.01 27.52
CA GLN C 271 -29.26 -4.49 26.50
C GLN C 271 -29.16 -5.33 25.20
N ILE C 272 -27.95 -5.78 24.84
CA ILE C 272 -27.77 -6.67 23.66
C ILE C 272 -28.56 -7.95 23.88
N GLY C 273 -28.45 -8.47 25.10
CA GLY C 273 -29.17 -9.68 25.52
C GLY C 273 -30.69 -9.61 25.42
N SER C 274 -31.26 -8.42 25.66
CA SER C 274 -32.70 -8.19 25.62
C SER C 274 -33.22 -7.70 24.23
N THR C 275 -32.35 -7.51 23.25
CA THR C 275 -32.74 -6.98 21.92
C THR C 275 -33.09 -8.19 21.01
N GLU C 276 -34.05 -8.02 20.07
CA GLU C 276 -34.30 -9.01 18.97
C GLU C 276 -33.18 -8.93 17.90
N TRP C 277 -32.66 -10.06 17.46
CA TRP C 277 -31.56 -10.06 16.46
C TRP C 277 -31.78 -10.98 15.27
N SER C 278 -32.83 -11.79 15.24
CA SER C 278 -32.95 -12.84 14.19
C SER C 278 -32.79 -12.35 12.73
N GLU C 279 -33.41 -11.20 12.41
CA GLU C 279 -33.38 -10.64 11.04
C GLU C 279 -32.03 -10.09 10.74
N THR C 280 -31.48 -9.31 11.69
CA THR C 280 -30.15 -8.74 11.55
C THR C 280 -29.09 -9.82 11.29
N LEU C 281 -29.13 -10.90 12.06
CA LEU C 281 -28.12 -11.96 11.89
C LEU C 281 -28.42 -12.78 10.62
N HIS C 282 -29.69 -12.95 10.29
CA HIS C 282 -30.02 -13.66 9.06
C HIS C 282 -29.40 -12.94 7.82
N ASN C 283 -29.58 -11.63 7.79
CA ASN C 283 -29.05 -10.80 6.70
C ASN C 283 -27.54 -10.81 6.64
N LEU C 284 -26.90 -10.78 7.80
CA LEU C 284 -25.40 -10.88 7.84
C LEU C 284 -24.94 -12.22 7.31
N LYS C 285 -25.66 -13.26 7.70
CA LYS C 285 -25.36 -14.61 7.26
C LYS C 285 -25.50 -14.78 5.73
N ASN C 286 -26.60 -14.25 5.20
CA ASN C 286 -26.82 -14.21 3.77
C ASN C 286 -25.75 -13.40 3.05
N MET C 287 -25.48 -12.20 3.56
CA MET C 287 -24.48 -11.32 2.91
C MET C 287 -23.12 -12.03 2.79
N ALA C 288 -22.71 -12.73 3.86
CA ALA C 288 -21.44 -13.47 3.86
C ALA C 288 -21.47 -14.65 2.89
N GLN C 289 -22.53 -15.44 2.95
CA GLN C 289 -22.73 -16.57 2.06
C GLN C 289 -22.70 -16.19 0.56
N PHE C 290 -23.41 -15.12 0.21
CA PHE C 290 -23.55 -14.72 -1.22
C PHE C 290 -22.40 -13.88 -1.73
N SER C 291 -21.44 -13.62 -0.84
CA SER C 291 -20.15 -13.04 -1.21
C SER C 291 -19.10 -13.98 -1.74
N VAL C 292 -19.34 -15.27 -1.62
CA VAL C 292 -18.34 -16.29 -1.97
C VAL C 292 -18.52 -16.84 -3.41
N LEU C 293 -17.48 -16.75 -4.21
CA LEU C 293 -17.49 -17.40 -5.53
C LEU C 293 -16.84 -18.79 -5.43
N LEU C 294 -17.57 -19.84 -5.84
CA LEU C 294 -17.14 -21.24 -5.72
C LEU C 294 -17.12 -21.88 -7.11
C2 BIG D . -13.74 -3.22 -6.70
C5 BIG D . -16.11 -3.26 -8.17
C4 BIG D . -14.93 -4.08 -8.46
C8 BIG D . -16.58 -4.50 -9.99
O3' BIG D . -12.36 -9.64 -8.68
C3' BIG D . -13.52 -8.82 -8.45
C4' BIG D . -15.02 -9.04 -8.84
C5' BIG D . -15.95 -9.24 -7.66
S5' BIG D . -17.63 -9.42 -8.20
C20 BIG D . -17.54 -11.05 -8.77
C21 BIG D . -17.72 -11.00 -10.28
C22 BIG D . -17.17 -12.28 -10.90
C23 BIG D . -16.93 -12.10 -12.38
C1' BIG D . -15.39 -7.85 -9.66
N1' BIG D . -14.10 -7.17 -9.98
C2' BIG D . -13.26 -7.38 -8.78
C10 BIG D . -14.28 -5.79 -10.32
N7 BIG D . -17.07 -3.54 -9.15
C6 BIG D . -15.99 -2.41 -6.97
N6 BIG D . -17.00 -1.61 -6.61
N3 BIG D . -13.75 -4.06 -7.77
C9 BIG D . -15.26 -4.87 -9.66
N1 BIG D . -14.77 -2.41 -6.33
CL CL E . -10.93 -6.50 -11.25
CL CL F . -2.19 4.63 0.45
C2 BIG G . 10.67 8.19 -7.80
C5 BIG G . 12.32 10.04 -9.01
C4 BIG G . 12.79 9.03 -8.12
C8 BIG G . 14.52 10.30 -8.82
O3' BIG G . 15.85 3.67 -7.63
C3' BIG G . 15.57 4.93 -8.26
C4' BIG G . 16.44 5.69 -9.28
C5' BIG G . 16.26 5.30 -10.77
S5' BIG G . 17.14 6.39 -11.87
C20 BIG G . 18.79 6.09 -11.20
C21 BIG G . 19.85 6.74 -12.08
C22 BIG G . 21.26 6.65 -11.47
C23 BIG G . 21.86 5.25 -11.55
C1' BIG G . 16.21 7.15 -9.00
N1' BIG G . 15.75 7.14 -7.55
C2' BIG G . 14.87 5.98 -7.38
C10 BIG G . 15.19 8.42 -7.15
N7 BIG G . 13.37 10.79 -9.40
C6 BIG G . 10.86 10.05 -9.26
N6 BIG G . 10.35 10.96 -10.06
N3 BIG G . 12.01 8.12 -7.49
C9 BIG G . 14.26 9.21 -8.03
N1 BIG G . 10.16 9.13 -8.61
CL CL H . 15.58 6.67 -3.92
C2 BIG I . -1.71 4.99 16.07
C5 BIG I . -2.44 6.17 18.47
C4 BIG I . -2.56 4.78 18.17
C8 BIG I . -3.28 5.22 20.30
O3' BIG I . -0.53 -0.91 19.32
C3' BIG I . -0.59 0.51 19.61
C4' BIG I . -0.44 1.26 20.95
C5' BIG I . 0.87 2.06 21.11
S5' BIG I . 0.93 2.84 22.71
C20 BIG I . 1.28 1.40 23.62
C21 BIG I . 0.08 1.15 24.52
C22 BIG I . -0.04 -0.34 24.77
C23 BIG I . -1.18 -0.59 25.74
C1' BIG I . -1.61 2.23 21.00
N1' BIG I . -2.51 1.74 19.90
C2' BIG I . -1.61 1.30 18.82
C10 BIG I . -3.46 2.76 19.52
N7 BIG I . -2.87 6.40 19.74
C6 BIG I . -1.85 6.95 17.36
N6 BIG I . -1.69 8.26 17.49
N3 BIG I . -2.23 4.17 17.01
C9 BIG I . -3.12 4.18 19.40
N1 BIG I . -1.58 6.30 16.23
CL CL J . -4.73 -0.25 17.98
#